data_4LL7
#
_entry.id   4LL7
#
_cell.length_a   28.069
_cell.length_b   49.576
_cell.length_c   149.950
_cell.angle_alpha   89.960
_cell.angle_beta   84.670
_cell.angle_gamma   89.980
#
_symmetry.space_group_name_H-M   'P 1'
#
loop_
_entity.id
_entity.type
_entity.pdbx_description
1 polymer 'SWI5-dependent HO expression protein 3'
2 non-polymer 'DYSPROSIUM ION'
3 non-polymer 'SULFATE ION'
4 non-polymer 'PLATINUM (II) ION'
5 non-polymer 2,3-DIHYDROXY-1,4-DITHIOBUTANE
6 non-polymer 1,2-ETHANEDIOL
7 non-polymer 'ISOPROPYL ALCOHOL'
8 water water
#
_entity_poly.entity_id   1
_entity_poly.type   'polypeptide(L)'
_entity_poly.pdbx_seq_one_letter_code
;SSRVIESLHDQIDMLTKTNLQLTTQSQNLLSKLELAQSKESKLLENLNLLKNENENLNSIFERKNKKLKELEKDYSELSN
RYNEQKEKMDQLSKLA
;
_entity_poly.pdbx_strand_id   A,B,C,D,E,F,G,H
#
loop_
_chem_comp.id
_chem_comp.type
_chem_comp.name
_chem_comp.formula
DTT non-polymer 2,3-DIHYDROXY-1,4-DITHIOBUTANE 'C4 H10 O2 S2'
DY non-polymer 'DYSPROSIUM ION' 'Dy 3'
EDO non-polymer 1,2-ETHANEDIOL 'C2 H6 O2'
IPA non-polymer 'ISOPROPYL ALCOHOL' 'C3 H8 O'
PT non-polymer 'PLATINUM (II) ION' 'Pt 2'
SO4 non-polymer 'SULFATE ION' 'O4 S -2'
#
# COMPACT_ATOMS: atom_id res chain seq x y z
N SER A 2 88.73 -41.37 -52.33
CA SER A 2 87.54 -41.82 -53.11
C SER A 2 86.60 -42.65 -52.22
N ARG A 3 87.11 -43.65 -51.50
CA ARG A 3 86.24 -44.34 -50.50
C ARG A 3 85.86 -43.22 -49.50
N VAL A 4 86.78 -42.27 -49.33
CA VAL A 4 86.61 -41.10 -48.44
C VAL A 4 85.40 -40.37 -48.89
N ILE A 5 85.39 -39.98 -50.16
CA ILE A 5 84.32 -39.17 -50.73
C ILE A 5 82.86 -39.60 -50.66
N GLU A 6 82.55 -40.75 -51.23
CA GLU A 6 81.20 -41.25 -51.25
C GLU A 6 80.72 -41.72 -49.88
N SER A 7 81.66 -42.07 -49.01
CA SER A 7 81.31 -42.47 -47.65
C SER A 7 80.79 -41.16 -47.07
N LEU A 8 81.53 -40.09 -47.39
CA LEU A 8 81.22 -38.73 -46.96
C LEU A 8 79.86 -38.31 -47.50
N HIS A 9 79.58 -38.63 -48.76
CA HIS A 9 78.31 -38.29 -49.39
C HIS A 9 77.13 -38.96 -48.69
N ASP A 10 77.27 -40.24 -48.37
CA ASP A 10 76.20 -40.98 -47.70
C ASP A 10 75.69 -40.23 -46.48
N GLN A 11 76.47 -39.27 -46.01
CA GLN A 11 76.07 -38.46 -44.87
C GLN A 11 75.30 -37.22 -45.32
N ILE A 12 75.76 -36.60 -46.41
CA ILE A 12 75.09 -35.43 -46.95
C ILE A 12 73.66 -35.77 -47.33
N ASP A 13 73.48 -36.90 -48.01
CA ASP A 13 72.13 -37.31 -48.43
C ASP A 13 71.25 -37.59 -47.22
N MET A 14 71.82 -38.18 -46.18
CA MET A 14 71.07 -38.48 -44.97
C MET A 14 70.64 -37.19 -44.29
N LEU A 15 71.52 -36.19 -44.34
CA LEU A 15 71.22 -34.89 -43.75
C LEU A 15 70.10 -34.22 -44.52
N THR A 16 70.13 -34.35 -45.85
CA THR A 16 69.10 -33.77 -46.70
C THR A 16 67.77 -34.41 -46.39
N LYS A 17 67.80 -35.72 -46.15
CA LYS A 17 66.58 -36.46 -45.83
C LYS A 17 66.02 -35.97 -44.51
N THR A 18 66.91 -35.73 -43.56
CA THR A 18 66.52 -35.24 -42.24
C THR A 18 65.87 -33.87 -42.38
N ASN A 19 66.44 -33.02 -43.23
CA ASN A 19 65.90 -31.69 -43.45
C ASN A 19 64.51 -31.74 -44.08
N LEU A 20 64.33 -32.63 -45.04
CA LEU A 20 63.04 -32.76 -45.71
C LEU A 20 61.95 -33.09 -44.71
N GLN A 21 62.22 -34.06 -43.84
CA GLN A 21 61.26 -34.46 -42.82
C GLN A 21 60.88 -33.24 -41.98
N LEU A 22 61.87 -32.67 -41.31
CA LEU A 22 61.67 -31.50 -40.46
C LEU A 22 60.93 -30.38 -41.18
N THR A 23 61.26 -30.16 -42.46
CA THR A 23 60.61 -29.10 -43.22
C THR A 23 59.13 -29.41 -43.44
N THR A 24 58.82 -30.64 -43.85
CA THR A 24 57.43 -31.03 -44.06
C THR A 24 56.71 -30.87 -42.73
N GLN A 25 57.45 -31.05 -41.64
CA GLN A 25 56.88 -30.93 -40.31
C GLN A 25 56.45 -29.48 -40.08
N SER A 26 57.37 -28.55 -40.31
CA SER A 26 57.05 -27.14 -40.15
C SER A 26 55.98 -26.73 -41.15
N GLN A 27 55.64 -27.64 -42.05
CA GLN A 27 54.60 -27.38 -43.04
C GLN A 27 53.29 -27.75 -42.41
N ASN A 28 53.22 -28.99 -41.91
CA ASN A 28 52.01 -29.50 -41.30
C ASN A 28 51.57 -28.70 -40.07
N LEU A 29 52.52 -28.07 -39.38
CA LEU A 29 52.18 -27.31 -38.17
C LEU A 29 51.79 -25.87 -38.46
N LEU A 30 52.39 -25.25 -39.47
CA LEU A 30 52.00 -23.88 -39.76
C LEU A 30 50.61 -23.95 -40.37
N SER A 31 50.18 -25.17 -40.71
CA SER A 31 48.86 -25.40 -41.27
C SER A 31 47.87 -25.78 -40.19
N LYS A 32 48.38 -26.03 -38.98
CA LYS A 32 47.51 -26.36 -37.86
C LYS A 32 47.34 -25.09 -37.04
N LEU A 33 48.45 -24.58 -36.51
CA LEU A 33 48.42 -23.36 -35.72
C LEU A 33 47.41 -22.39 -36.34
N GLU A 34 47.36 -22.36 -37.67
CA GLU A 34 46.41 -21.50 -38.38
C GLU A 34 45.00 -22.00 -38.10
N LEU A 35 44.80 -23.31 -38.17
CA LEU A 35 43.50 -23.91 -37.90
C LEU A 35 43.09 -23.58 -36.46
N ALA A 36 44.03 -23.70 -35.53
CA ALA A 36 43.76 -23.40 -34.13
C ALA A 36 43.36 -21.95 -33.96
N GLN A 37 44.01 -21.08 -34.73
CA GLN A 37 43.74 -19.65 -34.68
C GLN A 37 42.39 -19.34 -35.30
N SER A 38 42.11 -19.96 -36.44
CA SER A 38 40.84 -19.77 -37.15
C SER A 38 39.69 -20.12 -36.22
N LYS A 39 39.78 -21.32 -35.64
CA LYS A 39 38.77 -21.84 -34.72
C LYS A 39 38.64 -20.99 -33.44
N GLU A 40 39.60 -20.10 -33.22
CA GLU A 40 39.55 -19.19 -32.08
C GLU A 40 38.66 -18.05 -32.58
N SER A 41 39.06 -17.49 -33.71
CA SER A 41 38.34 -16.39 -34.34
C SER A 41 36.84 -16.65 -34.38
N LYS A 42 36.46 -17.76 -35.00
CA LYS A 42 35.06 -18.15 -35.15
C LYS A 42 34.40 -18.27 -33.77
N LEU A 43 35.13 -18.85 -32.82
CA LEU A 43 34.65 -19.05 -31.46
C LEU A 43 34.40 -17.72 -30.75
N LEU A 44 35.37 -16.82 -30.83
CA LEU A 44 35.26 -15.51 -30.18
C LEU A 44 34.12 -14.73 -30.81
N GLU A 45 33.95 -14.90 -32.12
CA GLU A 45 32.89 -14.20 -32.81
C GLU A 45 31.57 -14.68 -32.24
N ASN A 46 31.37 -15.99 -32.24
CA ASN A 46 30.14 -16.58 -31.71
C ASN A 46 29.86 -16.10 -30.28
N LEU A 47 30.89 -16.10 -29.44
CA LEU A 47 30.72 -15.67 -28.07
C LEU A 47 30.17 -14.26 -28.03
N ASN A 48 30.54 -13.45 -29.01
CA ASN A 48 30.07 -12.07 -29.05
C ASN A 48 28.67 -11.92 -29.57
N LEU A 49 28.23 -12.79 -30.48
CA LEU A 49 26.87 -12.67 -30.97
C LEU A 49 25.96 -13.04 -29.80
N LEU A 50 26.33 -14.11 -29.09
CA LEU A 50 25.56 -14.54 -27.93
C LEU A 50 25.60 -13.46 -26.87
N LYS A 51 26.79 -12.90 -26.68
CA LYS A 51 26.98 -11.85 -25.70
C LYS A 51 26.04 -10.68 -26.00
N ASN A 52 25.98 -10.26 -27.27
CA ASN A 52 25.11 -9.15 -27.68
C ASN A 52 23.65 -9.57 -27.57
N GLU A 53 23.39 -10.84 -27.86
CA GLU A 53 22.05 -11.40 -27.81
C GLU A 53 21.58 -11.35 -26.36
N ASN A 54 22.48 -11.74 -25.46
CA ASN A 54 22.21 -11.76 -24.03
C ASN A 54 21.95 -10.39 -23.40
N GLU A 55 22.73 -9.37 -23.79
CA GLU A 55 22.56 -8.02 -23.23
C GLU A 55 21.18 -7.49 -23.65
N ASN A 56 20.79 -7.81 -24.87
CA ASN A 56 19.51 -7.40 -25.42
C ASN A 56 18.38 -8.03 -24.62
N LEU A 57 18.53 -9.31 -24.26
CA LEU A 57 17.50 -9.97 -23.46
C LEU A 57 17.50 -9.46 -22.02
N ASN A 58 18.65 -9.00 -21.55
CA ASN A 58 18.73 -8.49 -20.19
C ASN A 58 18.05 -7.15 -20.09
N SER A 59 18.14 -6.39 -21.17
CA SER A 59 17.53 -5.06 -21.24
C SER A 59 16.01 -5.17 -21.28
N ILE A 60 15.51 -6.19 -21.97
CA ILE A 60 14.07 -6.41 -22.08
C ILE A 60 13.51 -6.76 -20.72
N PHE A 61 14.22 -7.65 -20.03
CA PHE A 61 13.86 -8.10 -18.68
C PHE A 61 13.68 -6.89 -17.75
N GLU A 62 14.72 -6.06 -17.65
CA GLU A 62 14.66 -4.86 -16.80
C GLU A 62 13.45 -3.96 -17.10
N ARG A 63 13.02 -3.91 -18.36
CA ARG A 63 11.86 -3.10 -18.72
C ARG A 63 10.59 -3.73 -18.18
N LYS A 64 10.47 -5.04 -18.29
CA LYS A 64 9.27 -5.73 -17.79
C LYS A 64 9.17 -5.59 -16.27
N ASN A 65 10.31 -5.72 -15.59
CA ASN A 65 10.34 -5.58 -14.14
C ASN A 65 9.87 -4.21 -13.71
N LYS A 66 10.24 -3.18 -14.49
CA LYS A 66 9.80 -1.83 -14.16
C LYS A 66 8.29 -1.74 -14.25
N LYS A 67 7.71 -2.41 -15.23
CA LYS A 67 6.25 -2.41 -15.38
C LYS A 67 5.59 -3.20 -14.25
N LEU A 68 6.22 -4.31 -13.87
CA LEU A 68 5.68 -5.13 -12.79
C LEU A 68 5.71 -4.36 -11.47
N LYS A 69 6.75 -3.54 -11.28
CA LYS A 69 6.82 -2.74 -10.06
C LYS A 69 5.66 -1.73 -10.06
N GLU A 70 5.27 -1.23 -11.22
CA GLU A 70 4.16 -0.28 -11.27
C GLU A 70 2.91 -1.04 -10.90
N LEU A 71 2.69 -2.18 -11.56
CA LEU A 71 1.50 -2.98 -11.24
C LEU A 71 1.48 -3.31 -9.75
N GLU A 72 2.65 -3.62 -9.21
CA GLU A 72 2.81 -3.96 -7.79
C GLU A 72 2.21 -2.82 -6.94
N LYS A 73 2.39 -1.59 -7.40
CA LYS A 73 1.88 -0.41 -6.70
C LYS A 73 0.41 -0.14 -6.96
N ASP A 74 -0.03 -0.42 -8.18
CA ASP A 74 -1.42 -0.19 -8.56
C ASP A 74 -2.38 -1.12 -7.84
N TYR A 75 -2.02 -2.38 -7.70
CA TYR A 75 -2.88 -3.35 -7.02
C TYR A 75 -2.97 -3.01 -5.53
N SER A 76 -1.86 -2.55 -4.97
CA SER A 76 -1.84 -2.18 -3.55
C SER A 76 -2.74 -0.98 -3.35
N GLU A 77 -2.65 0.00 -4.23
CA GLU A 77 -3.49 1.17 -4.06
C GLU A 77 -4.93 0.79 -4.27
N LEU A 78 -5.18 -0.05 -5.27
CA LEU A 78 -6.55 -0.46 -5.57
C LEU A 78 -7.19 -1.21 -4.41
N SER A 79 -6.41 -2.13 -3.83
CA SER A 79 -6.87 -2.94 -2.71
C SER A 79 -7.29 -2.04 -1.55
N ASN A 80 -6.45 -1.08 -1.29
CA ASN A 80 -6.65 -0.10 -0.27
C ASN A 80 -7.97 0.63 -0.52
N ARG A 81 -8.19 1.01 -1.77
CA ARG A 81 -9.43 1.71 -2.08
C ARG A 81 -10.67 0.85 -1.72
N TYR A 82 -10.62 -0.44 -2.04
CA TYR A 82 -11.73 -1.35 -1.70
C TYR A 82 -11.91 -1.46 -0.17
N ASN A 83 -10.83 -1.41 0.59
CA ASN A 83 -10.98 -1.49 2.05
C ASN A 83 -11.67 -0.23 2.57
N GLU A 84 -11.31 0.93 2.03
CA GLU A 84 -11.93 2.15 2.47
C GLU A 84 -13.40 2.08 2.05
N GLN A 85 -13.65 1.64 0.83
CA GLN A 85 -15.03 1.53 0.35
C GLN A 85 -15.89 0.65 1.24
N LYS A 86 -15.31 -0.40 1.79
CA LYS A 86 -16.05 -1.28 2.68
C LYS A 86 -16.33 -0.62 4.04
N GLU A 87 -15.37 0.13 4.56
CA GLU A 87 -15.56 0.80 5.85
C GLU A 87 -16.82 1.67 5.83
N LYS A 88 -17.04 2.37 4.73
CA LYS A 88 -18.23 3.23 4.59
C LYS A 88 -19.51 2.40 4.59
N MET A 89 -19.50 1.31 3.82
CA MET A 89 -20.67 0.45 3.74
C MET A 89 -20.98 -0.03 5.14
N ASP A 90 -19.91 -0.35 5.87
CA ASP A 90 -20.00 -0.82 7.24
C ASP A 90 -20.72 0.24 8.05
N GLN A 91 -20.14 1.44 8.08
CA GLN A 91 -20.72 2.54 8.82
C GLN A 91 -22.17 2.83 8.45
N LEU A 92 -22.54 2.54 7.21
CA LEU A 92 -23.91 2.77 6.76
C LEU A 92 -24.91 1.89 7.51
N SER A 93 -24.53 0.63 7.74
CA SER A 93 -25.39 -0.33 8.43
C SER A 93 -25.36 -0.11 9.94
N LYS A 94 -24.20 0.27 10.44
CA LYS A 94 -23.97 0.49 11.86
C LYS A 94 -24.91 1.51 12.51
N LEU A 95 -24.82 1.60 13.83
CA LEU A 95 -25.63 2.52 14.61
C LEU A 95 -24.86 3.82 14.83
N LEU B 8 77.08 -10.54 -24.35
CA LEU B 8 76.13 -11.59 -23.89
C LEU B 8 75.86 -11.48 -22.40
N HIS B 9 76.93 -11.53 -21.59
CA HIS B 9 76.80 -11.43 -20.14
C HIS B 9 76.14 -10.11 -19.77
N ASP B 10 76.22 -9.15 -20.69
CA ASP B 10 75.62 -7.83 -20.46
C ASP B 10 74.12 -7.88 -20.74
N GLN B 11 73.71 -8.81 -21.60
CA GLN B 11 72.31 -8.97 -21.95
C GLN B 11 71.57 -9.70 -20.84
N ILE B 12 72.18 -10.76 -20.33
CA ILE B 12 71.59 -11.56 -19.25
C ILE B 12 71.25 -10.68 -18.05
N ASP B 13 72.18 -9.83 -17.63
CA ASP B 13 71.97 -8.95 -16.49
C ASP B 13 70.85 -7.95 -16.74
N MET B 14 70.87 -7.35 -17.93
CA MET B 14 69.85 -6.38 -18.34
C MET B 14 68.47 -7.03 -18.32
N LEU B 15 68.41 -8.25 -18.83
CA LEU B 15 67.16 -9.01 -18.91
C LEU B 15 66.69 -9.43 -17.53
N THR B 16 67.63 -9.62 -16.60
CA THR B 16 67.27 -10.00 -15.24
C THR B 16 66.67 -8.76 -14.60
N LYS B 17 67.23 -7.60 -14.94
CA LYS B 17 66.75 -6.33 -14.42
C LYS B 17 65.33 -6.07 -14.91
N THR B 18 65.06 -6.39 -16.17
CA THR B 18 63.74 -6.20 -16.74
C THR B 18 62.74 -7.13 -16.06
N ASN B 19 63.18 -8.35 -15.79
CA ASN B 19 62.34 -9.33 -15.12
C ASN B 19 62.03 -8.87 -13.70
N LEU B 20 63.04 -8.38 -13.00
CA LEU B 20 62.87 -7.90 -11.63
C LEU B 20 61.87 -6.76 -11.55
N GLN B 21 61.94 -5.83 -12.51
CA GLN B 21 61.03 -4.70 -12.56
C GLN B 21 59.58 -5.17 -12.69
N LEU B 22 59.37 -6.17 -13.54
CA LEU B 22 58.04 -6.73 -13.74
C LEU B 22 57.50 -7.44 -12.51
N THR B 23 58.35 -8.19 -11.82
CA THR B 23 57.93 -8.90 -10.62
C THR B 23 57.45 -7.92 -9.56
N THR B 24 58.22 -6.85 -9.37
CA THR B 24 57.88 -5.83 -8.39
C THR B 24 56.55 -5.16 -8.75
N GLN B 25 56.38 -4.87 -10.03
CA GLN B 25 55.16 -4.24 -10.53
C GLN B 25 53.99 -5.17 -10.27
N SER B 26 54.20 -6.46 -10.53
CA SER B 26 53.16 -7.46 -10.34
C SER B 26 52.79 -7.55 -8.85
N GLN B 27 53.79 -7.49 -7.99
CA GLN B 27 53.55 -7.55 -6.55
C GLN B 27 52.75 -6.34 -6.11
N ASN B 28 53.06 -5.18 -6.69
CA ASN B 28 52.38 -3.95 -6.34
C ASN B 28 50.91 -4.02 -6.73
N LEU B 29 50.63 -4.55 -7.93
CA LEU B 29 49.27 -4.66 -8.40
C LEU B 29 48.48 -5.70 -7.59
N LEU B 30 49.16 -6.74 -7.12
CA LEU B 30 48.51 -7.77 -6.31
C LEU B 30 48.05 -7.19 -4.99
N SER B 31 48.90 -6.34 -4.41
CA SER B 31 48.60 -5.70 -3.13
C SER B 31 47.46 -4.71 -3.32
N LYS B 32 47.49 -3.96 -4.41
CA LYS B 32 46.46 -2.99 -4.70
C LYS B 32 45.12 -3.72 -4.82
N LEU B 33 45.14 -4.85 -5.51
CA LEU B 33 43.95 -5.67 -5.70
C LEU B 33 43.44 -6.21 -4.37
N GLU B 34 44.37 -6.71 -3.58
CA GLU B 34 44.05 -7.28 -2.28
C GLU B 34 43.46 -6.23 -1.33
N LEU B 35 43.85 -4.98 -1.53
CA LEU B 35 43.35 -3.89 -0.71
C LEU B 35 41.91 -3.54 -1.09
N ALA B 36 41.70 -3.22 -2.37
CA ALA B 36 40.36 -2.88 -2.85
C ALA B 36 39.37 -3.97 -2.45
N GLN B 37 39.89 -5.19 -2.36
CA GLN B 37 39.09 -6.32 -1.91
C GLN B 37 38.62 -5.99 -0.49
N SER B 38 39.53 -6.05 0.48
CA SER B 38 39.16 -5.75 1.87
C SER B 38 38.35 -4.45 1.96
N LYS B 39 38.50 -3.59 0.96
CA LYS B 39 37.78 -2.32 0.89
C LYS B 39 36.32 -2.69 0.58
N GLU B 40 36.16 -3.36 -0.56
CA GLU B 40 34.86 -3.86 -1.02
C GLU B 40 34.17 -4.65 0.08
N SER B 41 34.94 -5.47 0.78
CA SER B 41 34.39 -6.25 1.88
C SER B 41 33.60 -5.29 2.76
N LYS B 42 34.33 -4.35 3.36
CA LYS B 42 33.75 -3.33 4.25
C LYS B 42 32.52 -2.64 3.67
N LEU B 43 32.54 -2.31 2.38
CA LEU B 43 31.39 -1.64 1.81
C LEU B 43 30.18 -2.56 1.87
N LEU B 44 30.41 -3.86 1.64
CA LEU B 44 29.33 -4.83 1.67
C LEU B 44 28.77 -5.00 3.08
N GLU B 45 29.65 -5.03 4.07
CA GLU B 45 29.23 -5.22 5.46
C GLU B 45 28.46 -4.05 6.06
N ASN B 46 28.93 -2.83 5.84
CA ASN B 46 28.23 -1.66 6.37
C ASN B 46 26.84 -1.64 5.73
N LEU B 47 26.82 -1.97 4.44
CA LEU B 47 25.61 -2.04 3.64
C LEU B 47 24.62 -3.04 4.24
N ASN B 48 25.14 -4.19 4.67
CA ASN B 48 24.29 -5.22 5.25
C ASN B 48 23.74 -4.84 6.63
N LEU B 49 24.50 -4.06 7.39
CA LEU B 49 24.05 -3.61 8.71
C LEU B 49 22.88 -2.69 8.45
N LEU B 50 23.16 -1.66 7.65
CA LEU B 50 22.19 -0.66 7.29
C LEU B 50 20.90 -1.28 6.82
N LYS B 51 21.04 -2.32 6.00
CA LYS B 51 19.92 -3.05 5.45
C LYS B 51 19.06 -3.62 6.57
N ASN B 52 19.68 -4.32 7.51
CA ASN B 52 18.90 -4.90 8.60
C ASN B 52 18.10 -3.85 9.37
N GLU B 53 18.69 -2.67 9.60
CA GLU B 53 17.98 -1.62 10.33
C GLU B 53 16.91 -0.96 9.46
N ASN B 54 17.09 -1.02 8.16
CA ASN B 54 16.13 -0.45 7.21
C ASN B 54 14.88 -1.31 7.27
N GLU B 55 15.07 -2.62 7.38
CA GLU B 55 13.95 -3.56 7.47
C GLU B 55 13.22 -3.36 8.79
N ASN B 56 14.00 -3.16 9.86
CA ASN B 56 13.44 -2.97 11.18
C ASN B 56 12.57 -1.71 11.17
N LEU B 57 13.04 -0.66 10.51
CA LEU B 57 12.25 0.56 10.42
C LEU B 57 10.99 0.35 9.58
N ASN B 58 11.14 -0.32 8.44
CA ASN B 58 9.99 -0.58 7.58
C ASN B 58 8.91 -1.36 8.32
N SER B 59 9.33 -2.25 9.22
CA SER B 59 8.37 -3.04 9.98
C SER B 59 7.58 -2.21 10.99
N ILE B 60 8.28 -1.29 11.65
CA ILE B 60 7.66 -0.41 12.61
C ILE B 60 6.63 0.46 11.89
N PHE B 61 7.03 1.05 10.77
CA PHE B 61 6.13 1.92 10.01
C PHE B 61 4.81 1.19 9.72
N GLU B 62 4.92 -0.03 9.22
CA GLU B 62 3.72 -0.84 8.91
C GLU B 62 2.86 -1.04 10.15
N ARG B 63 3.48 -1.25 11.30
CA ARG B 63 2.72 -1.42 12.55
C ARG B 63 1.95 -0.14 12.87
N LYS B 64 2.61 1.00 12.81
CA LYS B 64 1.95 2.28 13.11
C LYS B 64 0.79 2.58 12.15
N ASN B 65 0.99 2.26 10.88
CA ASN B 65 -0.05 2.47 9.88
C ASN B 65 -1.28 1.68 10.26
N LYS B 66 -1.09 0.48 10.81
CA LYS B 66 -2.23 -0.34 11.22
C LYS B 66 -2.98 0.29 12.37
N LYS B 67 -2.27 0.88 13.31
CA LYS B 67 -2.94 1.53 14.44
C LYS B 67 -3.74 2.76 13.97
N LEU B 68 -3.16 3.53 13.06
CA LEU B 68 -3.84 4.73 12.54
C LEU B 68 -5.11 4.39 11.76
N LYS B 69 -5.01 3.47 10.80
CA LYS B 69 -6.18 3.08 10.02
C LYS B 69 -7.25 2.64 11.00
N GLU B 70 -6.83 1.89 12.00
CA GLU B 70 -7.74 1.42 13.02
C GLU B 70 -8.32 2.62 13.74
N LEU B 71 -7.44 3.49 14.23
CA LEU B 71 -7.86 4.68 14.96
C LEU B 71 -8.74 5.60 14.11
N GLU B 72 -8.52 5.62 12.80
CA GLU B 72 -9.36 6.45 11.94
C GLU B 72 -10.78 5.90 11.79
N LYS B 73 -10.91 4.58 11.76
CA LYS B 73 -12.23 3.98 11.62
C LYS B 73 -13.00 4.31 12.88
N ASP B 74 -12.27 4.51 13.97
CA ASP B 74 -12.91 4.84 15.25
C ASP B 74 -13.47 6.26 15.25
N TYR B 75 -12.76 7.18 14.62
CA TYR B 75 -13.19 8.57 14.53
C TYR B 75 -14.43 8.69 13.64
N SER B 76 -14.48 7.90 12.57
CA SER B 76 -15.62 7.91 11.64
C SER B 76 -16.86 7.46 12.35
N GLU B 77 -16.76 6.35 13.06
CA GLU B 77 -17.90 5.81 13.78
C GLU B 77 -18.32 6.74 14.91
N LEU B 78 -17.34 7.36 15.56
CA LEU B 78 -17.62 8.28 16.66
C LEU B 78 -18.38 9.49 16.11
N SER B 79 -17.98 9.92 14.92
CA SER B 79 -18.64 11.06 14.30
C SER B 79 -20.12 10.75 14.00
N ASN B 80 -20.40 9.54 13.51
CA ASN B 80 -21.78 9.16 13.20
C ASN B 80 -22.61 9.17 14.45
N ARG B 81 -22.04 8.67 15.54
CA ARG B 81 -22.77 8.63 16.79
C ARG B 81 -23.15 10.03 17.25
N TYR B 82 -22.32 11.02 16.95
CA TYR B 82 -22.66 12.38 17.34
C TYR B 82 -23.75 12.91 16.42
N ASN B 83 -23.73 12.48 15.16
CA ASN B 83 -24.74 12.89 14.19
C ASN B 83 -26.09 12.31 14.57
N GLU B 84 -26.08 11.11 15.14
CA GLU B 84 -27.34 10.47 15.54
C GLU B 84 -27.93 11.20 16.74
N GLN B 85 -27.07 11.57 17.69
CA GLN B 85 -27.52 12.29 18.88
C GLN B 85 -28.07 13.65 18.49
N LYS B 86 -27.48 14.25 17.47
CA LYS B 86 -27.93 15.55 17.02
C LYS B 86 -29.32 15.40 16.40
N GLU B 87 -29.56 14.27 15.73
CA GLU B 87 -30.86 14.02 15.12
C GLU B 87 -31.90 13.79 16.22
N LYS B 88 -31.49 13.08 17.25
CA LYS B 88 -32.38 12.81 18.38
C LYS B 88 -32.75 14.13 19.06
N MET B 89 -31.80 15.06 19.10
CA MET B 89 -32.03 16.36 19.70
C MET B 89 -33.08 17.13 18.91
N ASP B 90 -33.06 16.97 17.58
CA ASP B 90 -34.03 17.65 16.74
C ASP B 90 -35.43 17.12 16.98
N GLN B 91 -35.52 15.82 17.28
CA GLN B 91 -36.80 15.17 17.52
C GLN B 91 -37.54 15.71 18.74
N LEU B 92 -36.80 15.98 19.81
CA LEU B 92 -37.41 16.49 21.03
C LEU B 92 -38.32 17.68 20.76
N SER B 93 -37.87 18.59 19.91
CA SER B 93 -38.65 19.78 19.57
C SER B 93 -38.93 19.79 18.07
N LYS B 94 -39.41 18.67 17.54
CA LYS B 94 -39.70 18.57 16.12
C LYS B 94 -41.08 19.16 15.84
N LEU B 95 -42.08 18.72 16.60
CA LEU B 95 -43.45 19.19 16.43
C LEU B 95 -44.02 19.72 17.74
N ILE C 5 88.26 -32.53 -48.96
CA ILE C 5 87.21 -33.03 -48.01
C ILE C 5 86.78 -31.92 -47.06
N GLU C 6 87.61 -30.89 -46.94
CA GLU C 6 87.31 -29.76 -46.06
C GLU C 6 86.05 -29.05 -46.50
N SER C 7 85.90 -28.88 -47.82
CA SER C 7 84.73 -28.22 -48.37
C SER C 7 83.49 -29.04 -48.03
N LEU C 8 83.61 -30.36 -48.15
CA LEU C 8 82.49 -31.24 -47.85
C LEU C 8 82.12 -31.24 -46.38
N HIS C 9 83.11 -31.07 -45.51
CA HIS C 9 82.84 -31.04 -44.07
C HIS C 9 82.13 -29.73 -43.77
N ASP C 10 82.53 -28.67 -44.47
CA ASP C 10 81.91 -27.35 -44.28
C ASP C 10 80.44 -27.42 -44.66
N GLN C 11 80.15 -28.14 -45.75
CA GLN C 11 78.78 -28.29 -46.24
C GLN C 11 77.97 -29.11 -45.23
N ILE C 12 78.59 -30.13 -44.65
CA ILE C 12 77.92 -30.95 -43.66
C ILE C 12 77.54 -30.05 -42.50
N ASP C 13 78.45 -29.15 -42.13
CA ASP C 13 78.20 -28.21 -41.04
C ASP C 13 77.05 -27.27 -41.36
N MET C 14 76.98 -26.84 -42.62
CA MET C 14 75.91 -25.94 -43.04
C MET C 14 74.58 -26.68 -43.01
N LEU C 15 74.60 -27.95 -43.40
CA LEU C 15 73.39 -28.76 -43.41
C LEU C 15 72.90 -29.00 -41.98
N THR C 16 73.84 -29.29 -41.07
CA THR C 16 73.48 -29.53 -39.67
C THR C 16 72.89 -28.26 -39.05
N LYS C 17 73.37 -27.11 -39.48
CA LYS C 17 72.85 -25.85 -38.96
C LYS C 17 71.45 -25.64 -39.51
N THR C 18 71.24 -26.04 -40.76
CA THR C 18 69.94 -25.90 -41.38
C THR C 18 68.93 -26.78 -40.65
N ASN C 19 69.29 -28.05 -40.44
CA ASN C 19 68.38 -28.98 -39.77
C ASN C 19 68.04 -28.56 -38.33
N LEU C 20 69.02 -27.99 -37.63
CA LEU C 20 68.79 -27.56 -36.25
C LEU C 20 67.79 -26.40 -36.19
N GLN C 21 67.88 -25.49 -37.15
CA GLN C 21 66.96 -24.37 -37.17
C GLN C 21 65.54 -24.88 -37.39
N LEU C 22 65.40 -25.88 -38.26
CA LEU C 22 64.11 -26.48 -38.56
C LEU C 22 63.54 -27.13 -37.29
N THR C 23 64.39 -27.86 -36.57
CA THR C 23 63.95 -28.54 -35.36
C THR C 23 63.52 -27.51 -34.33
N THR C 24 64.23 -26.39 -34.27
CA THR C 24 63.89 -25.33 -33.33
C THR C 24 62.52 -24.77 -33.68
N GLN C 25 62.27 -24.60 -34.98
CA GLN C 25 60.98 -24.08 -35.43
C GLN C 25 59.88 -25.08 -35.05
N SER C 26 60.16 -26.35 -35.25
CA SER C 26 59.21 -27.40 -34.91
C SER C 26 58.85 -27.31 -33.43
N GLN C 27 59.86 -27.11 -32.61
CA GLN C 27 59.70 -26.97 -31.17
C GLN C 27 58.80 -25.78 -30.85
N ASN C 28 59.07 -24.67 -31.53
CA ASN C 28 58.29 -23.45 -31.33
C ASN C 28 56.85 -23.66 -31.77
N LEU C 29 56.68 -24.34 -32.90
CA LEU C 29 55.35 -24.61 -33.42
C LEU C 29 54.60 -25.52 -32.47
N LEU C 30 55.32 -26.49 -31.89
CA LEU C 30 54.73 -27.43 -30.93
C LEU C 30 54.25 -26.67 -29.69
N SER C 31 55.06 -25.73 -29.22
CA SER C 31 54.72 -24.93 -28.05
C SER C 31 53.47 -24.10 -28.33
N LYS C 32 53.40 -23.55 -29.54
CA LYS C 32 52.25 -22.74 -29.93
C LYS C 32 50.99 -23.59 -29.95
N LEU C 33 51.13 -24.83 -30.42
CA LEU C 33 49.99 -25.75 -30.47
C LEU C 33 49.54 -26.06 -29.06
N GLU C 34 50.49 -26.23 -28.16
CA GLU C 34 50.19 -26.53 -26.77
C GLU C 34 49.46 -25.35 -26.14
N LEU C 35 49.91 -24.13 -26.47
CA LEU C 35 49.29 -22.92 -25.95
C LEU C 35 47.86 -22.82 -26.46
N ALA C 36 47.67 -23.14 -27.74
CA ALA C 36 46.34 -23.10 -28.35
C ALA C 36 45.44 -24.12 -27.67
N GLN C 37 46.02 -25.25 -27.30
CA GLN C 37 45.25 -26.30 -26.65
C GLN C 37 44.87 -25.87 -25.23
N SER C 38 45.75 -25.11 -24.60
CA SER C 38 45.49 -24.64 -23.25
C SER C 38 44.36 -23.61 -23.30
N LYS C 39 44.35 -22.80 -24.37
CA LYS C 39 43.32 -21.79 -24.55
C LYS C 39 41.97 -22.45 -24.82
N GLU C 40 42.01 -23.56 -25.53
CA GLU C 40 40.80 -24.30 -25.87
C GLU C 40 40.18 -24.92 -24.62
N SER C 41 41.03 -25.42 -23.73
CA SER C 41 40.57 -26.05 -22.49
C SER C 41 39.94 -25.02 -21.56
N LYS C 42 40.57 -23.86 -21.44
CA LYS C 42 40.07 -22.80 -20.57
C LYS C 42 38.74 -22.29 -21.12
N LEU C 43 38.67 -22.16 -22.44
CA LEU C 43 37.46 -21.69 -23.10
C LEU C 43 36.32 -22.69 -22.91
N LEU C 44 36.62 -23.98 -22.97
CA LEU C 44 35.59 -25.01 -22.79
C LEU C 44 35.10 -25.06 -21.35
N GLU C 45 36.02 -24.96 -20.41
CA GLU C 45 35.66 -24.99 -19.00
C GLU C 45 34.78 -23.79 -18.66
N ASN C 46 35.16 -22.63 -19.17
CA ASN C 46 34.40 -21.41 -18.95
C ASN C 46 32.99 -21.57 -19.50
N LEU C 47 32.89 -22.06 -20.73
CA LEU C 47 31.59 -22.25 -21.37
C LEU C 47 30.74 -23.17 -20.51
N ASN C 48 31.35 -24.20 -19.93
CA ASN C 48 30.64 -25.14 -19.08
C ASN C 48 30.13 -24.45 -17.82
N LEU C 49 30.97 -23.61 -17.22
CA LEU C 49 30.56 -22.88 -16.03
C LEU C 49 29.39 -21.96 -16.41
N LEU C 50 29.54 -21.21 -17.49
CA LEU C 50 28.50 -20.31 -17.97
C LEU C 50 27.22 -21.08 -18.27
N LYS C 51 27.37 -22.22 -18.93
CA LYS C 51 26.24 -23.03 -19.32
C LYS C 51 25.40 -23.58 -18.16
N ASN C 52 26.03 -24.25 -17.21
CA ASN C 52 25.31 -24.82 -16.08
C ASN C 52 24.52 -23.78 -15.30
N GLU C 53 25.07 -22.58 -15.09
CA GLU C 53 24.34 -21.58 -14.33
C GLU C 53 23.22 -20.97 -15.15
N ASN C 54 23.49 -20.76 -16.44
CA ASN C 54 22.50 -20.21 -17.35
C ASN C 54 21.26 -21.09 -17.26
N GLU C 55 21.46 -22.41 -17.31
CA GLU C 55 20.34 -23.36 -17.22
C GLU C 55 19.69 -23.27 -15.86
N ASN C 56 20.48 -23.00 -14.82
CA ASN C 56 19.90 -22.88 -13.49
C ASN C 56 18.96 -21.68 -13.54
N LEU C 57 19.45 -20.56 -14.07
CA LEU C 57 18.64 -19.35 -14.18
C LEU C 57 17.40 -19.57 -15.04
N ASN C 58 17.52 -20.37 -16.09
CA ASN C 58 16.38 -20.60 -16.96
C ASN C 58 15.27 -21.33 -16.28
N SER C 59 15.62 -22.25 -15.38
CA SER C 59 14.62 -23.03 -14.64
C SER C 59 13.92 -22.22 -13.58
N ILE C 60 14.64 -21.29 -12.97
CA ILE C 60 14.06 -20.42 -11.96
C ILE C 60 13.05 -19.50 -12.64
N PHE C 61 13.44 -18.96 -13.80
CA PHE C 61 12.56 -18.08 -14.57
C PHE C 61 11.25 -18.81 -14.91
N GLU C 62 11.36 -20.03 -15.43
CA GLU C 62 10.18 -20.81 -15.80
C GLU C 62 9.26 -21.05 -14.62
N ARG C 63 9.83 -21.20 -13.44
CA ARG C 63 9.06 -21.42 -12.23
C ARG C 63 8.28 -20.19 -11.82
N LYS C 64 8.89 -19.02 -11.98
CA LYS C 64 8.24 -17.77 -11.62
C LYS C 64 7.09 -17.49 -12.56
N ASN C 65 7.30 -17.79 -13.83
CA ASN C 65 6.28 -17.58 -14.85
C ASN C 65 5.04 -18.40 -14.52
N LYS C 66 5.27 -19.59 -13.97
CA LYS C 66 4.21 -20.52 -13.60
C LYS C 66 3.36 -19.94 -12.48
N LYS C 67 3.98 -19.17 -11.62
CA LYS C 67 3.26 -18.54 -10.52
C LYS C 67 2.53 -17.30 -10.98
N LEU C 68 3.17 -16.55 -11.87
CA LEU C 68 2.56 -15.34 -12.40
C LEU C 68 1.26 -15.74 -13.12
N LYS C 69 1.28 -16.91 -13.80
CA LYS C 69 0.08 -17.39 -14.49
C LYS C 69 -1.01 -17.69 -13.47
N GLU C 70 -0.66 -18.33 -12.35
CA GLU C 70 -1.69 -18.58 -11.34
C GLU C 70 -2.27 -17.20 -11.00
N LEU C 71 -1.40 -16.24 -10.74
CA LEU C 71 -1.86 -14.90 -10.42
C LEU C 71 -2.76 -14.23 -11.45
N GLU C 72 -2.48 -14.40 -12.75
CA GLU C 72 -3.34 -13.81 -13.78
C GLU C 72 -4.73 -14.32 -13.49
N LYS C 73 -4.78 -15.61 -13.24
CA LYS C 73 -6.03 -16.30 -12.97
C LYS C 73 -6.67 -15.86 -11.67
N ASP C 74 -5.87 -15.73 -10.63
CA ASP C 74 -6.39 -15.30 -9.34
C ASP C 74 -6.97 -13.91 -9.35
N TYR C 75 -6.34 -13.00 -10.09
CA TYR C 75 -6.82 -11.63 -10.17
C TYR C 75 -8.11 -11.53 -10.98
N SER C 76 -8.23 -12.34 -12.03
CA SER C 76 -9.42 -12.37 -12.87
C SER C 76 -10.61 -12.82 -12.06
N GLU C 77 -10.44 -13.87 -11.27
CA GLU C 77 -11.53 -14.38 -10.46
C GLU C 77 -11.95 -13.31 -9.47
N LEU C 78 -10.98 -12.68 -8.82
CA LEU C 78 -11.27 -11.64 -7.84
C LEU C 78 -12.03 -10.48 -8.46
N SER C 79 -11.54 -10.01 -9.59
CA SER C 79 -12.20 -8.90 -10.27
C SER C 79 -13.65 -9.29 -10.58
N ASN C 80 -13.87 -10.49 -11.09
CA ASN C 80 -15.21 -10.94 -11.40
C ASN C 80 -16.07 -10.96 -10.16
N ARG C 81 -15.53 -11.50 -9.07
CA ARG C 81 -16.29 -11.55 -7.83
C ARG C 81 -16.68 -10.14 -7.38
N TYR C 82 -15.81 -9.16 -7.64
CA TYR C 82 -16.14 -7.78 -7.28
C TYR C 82 -17.24 -7.27 -8.22
N ASN C 83 -17.13 -7.57 -9.50
CA ASN C 83 -18.18 -7.13 -10.43
C ASN C 83 -19.53 -7.72 -10.02
N GLU C 84 -19.49 -8.94 -9.49
CA GLU C 84 -20.71 -9.60 -9.06
C GLU C 84 -21.26 -8.98 -7.79
N GLN C 85 -20.39 -8.57 -6.89
CA GLN C 85 -20.83 -7.96 -5.66
C GLN C 85 -21.47 -6.60 -5.91
N LYS C 86 -21.03 -5.91 -6.96
CA LYS C 86 -21.63 -4.62 -7.26
C LYS C 86 -23.01 -4.79 -7.92
N GLU C 87 -23.17 -5.79 -8.77
CA GLU C 87 -24.48 -6.01 -9.40
C GLU C 87 -25.51 -6.16 -8.28
N LYS C 88 -25.13 -6.89 -7.24
CA LYS C 88 -26.00 -7.10 -6.09
C LYS C 88 -26.28 -5.79 -5.36
N MET C 89 -25.30 -4.90 -5.30
CA MET C 89 -25.48 -3.62 -4.62
C MET C 89 -26.43 -2.76 -5.44
N ASP C 90 -26.25 -2.74 -6.75
CA ASP C 90 -27.11 -1.95 -7.63
C ASP C 90 -28.55 -2.42 -7.45
N GLN C 91 -28.72 -3.74 -7.42
CA GLN C 91 -30.05 -4.31 -7.27
C GLN C 91 -30.69 -3.98 -5.92
N LEU C 92 -29.85 -3.81 -4.90
CA LEU C 92 -30.36 -3.46 -3.58
C LEU C 92 -30.99 -2.08 -3.67
N SER C 93 -30.45 -1.22 -4.51
CA SER C 93 -31.04 0.11 -4.67
C SER C 93 -31.99 0.11 -5.88
N LYS C 94 -31.77 -0.86 -6.79
CA LYS C 94 -32.56 -1.15 -8.01
C LYS C 94 -32.05 -0.82 -9.42
N ILE D 5 79.27 -21.40 -25.76
CA ILE D 5 78.41 -20.20 -25.59
C ILE D 5 76.92 -20.56 -25.72
N GLU D 6 76.65 -21.81 -26.07
CA GLU D 6 75.28 -22.28 -26.23
C GLU D 6 74.52 -22.17 -24.91
N SER D 7 75.19 -22.50 -23.81
CA SER D 7 74.58 -22.44 -22.49
C SER D 7 74.24 -21.00 -22.16
N LEU D 8 75.14 -20.08 -22.49
CA LEU D 8 74.93 -18.66 -22.23
C LEU D 8 73.72 -18.17 -23.01
N HIS D 9 73.57 -18.65 -24.23
CA HIS D 9 72.44 -18.25 -25.08
C HIS D 9 71.17 -18.81 -24.47
N ASP D 10 71.26 -20.01 -23.92
CA ASP D 10 70.12 -20.68 -23.30
C ASP D 10 69.62 -19.92 -22.08
N GLN D 11 70.55 -19.41 -21.28
CA GLN D 11 70.20 -18.64 -20.09
C GLN D 11 69.47 -17.37 -20.49
N ILE D 12 69.91 -16.75 -21.57
CA ILE D 12 69.29 -15.53 -22.05
C ILE D 12 67.84 -15.81 -22.46
N ASP D 13 67.64 -16.91 -23.17
CA ASP D 13 66.31 -17.32 -23.64
C ASP D 13 65.33 -17.55 -22.49
N MET D 14 65.77 -18.30 -21.48
CA MET D 14 64.93 -18.60 -20.34
C MET D 14 64.52 -17.34 -19.57
N LEU D 15 65.49 -16.46 -19.35
CA LEU D 15 65.21 -15.22 -18.63
C LEU D 15 64.28 -14.31 -19.46
N THR D 16 64.34 -14.42 -20.78
CA THR D 16 63.46 -13.60 -21.63
C THR D 16 62.04 -14.13 -21.49
N LYS D 17 61.91 -15.45 -21.38
CA LYS D 17 60.61 -16.08 -21.22
C LYS D 17 60.02 -15.69 -19.87
N THR D 18 60.84 -15.62 -18.84
CA THR D 18 60.37 -15.24 -17.51
C THR D 18 59.81 -13.82 -17.55
N ASN D 19 60.53 -12.92 -18.22
CA ASN D 19 60.10 -11.54 -18.33
C ASN D 19 58.69 -11.44 -18.92
N LEU D 20 58.44 -12.15 -20.01
CA LEU D 20 57.13 -12.12 -20.64
C LEU D 20 56.04 -12.68 -19.73
N GLN D 21 56.41 -13.67 -18.93
CA GLN D 21 55.47 -14.29 -18.00
C GLN D 21 55.17 -13.35 -16.83
N LEU D 22 56.11 -12.48 -16.53
CA LEU D 22 55.91 -11.51 -15.47
C LEU D 22 55.02 -10.40 -16.00
N THR D 23 55.09 -10.20 -17.32
CA THR D 23 54.26 -9.18 -17.96
C THR D 23 52.84 -9.72 -17.87
N THR D 24 52.69 -11.04 -17.84
CA THR D 24 51.37 -11.64 -17.72
C THR D 24 50.88 -11.16 -16.36
N GLN D 25 51.72 -11.33 -15.34
CA GLN D 25 51.38 -10.89 -13.98
C GLN D 25 50.83 -9.47 -14.06
N SER D 26 51.66 -8.56 -14.57
CA SER D 26 51.29 -7.16 -14.71
C SER D 26 49.97 -6.94 -15.42
N GLN D 27 49.87 -7.39 -16.68
CA GLN D 27 48.66 -7.21 -17.48
C GLN D 27 47.38 -7.78 -16.88
N ASN D 28 47.47 -8.92 -16.20
CA ASN D 28 46.28 -9.51 -15.59
C ASN D 28 45.82 -8.65 -14.42
N LEU D 29 46.77 -8.17 -13.63
CA LEU D 29 46.47 -7.34 -12.47
C LEU D 29 45.82 -6.02 -12.86
N LEU D 30 46.22 -5.46 -14.00
CA LEU D 30 45.65 -4.19 -14.44
C LEU D 30 44.17 -4.41 -14.78
N SER D 31 43.87 -5.60 -15.31
CA SER D 31 42.49 -5.96 -15.67
C SER D 31 41.66 -6.09 -14.39
N LYS D 32 42.24 -6.72 -13.39
CA LYS D 32 41.60 -6.92 -12.10
C LYS D 32 41.27 -5.56 -11.49
N LEU D 33 42.20 -4.62 -11.61
CA LEU D 33 42.00 -3.28 -11.08
C LEU D 33 40.90 -2.56 -11.83
N GLU D 34 40.86 -2.74 -13.14
CA GLU D 34 39.85 -2.08 -13.95
C GLU D 34 38.45 -2.63 -13.67
N LEU D 35 38.36 -3.92 -13.41
CA LEU D 35 37.06 -4.53 -13.11
C LEU D 35 36.57 -3.97 -11.79
N ALA D 36 37.44 -3.94 -10.79
CA ALA D 36 37.10 -3.44 -9.47
C ALA D 36 36.72 -1.96 -9.51
N GLN D 37 37.36 -1.20 -10.40
CA GLN D 37 37.08 0.21 -10.54
C GLN D 37 35.73 0.45 -11.22
N SER D 38 35.46 -0.27 -12.30
CA SER D 38 34.19 -0.11 -13.00
C SER D 38 33.03 -0.57 -12.12
N LYS D 39 33.33 -1.47 -11.21
CA LYS D 39 32.33 -1.98 -10.28
C LYS D 39 32.03 -0.85 -9.32
N GLU D 40 33.11 -0.22 -8.86
CA GLU D 40 33.10 0.93 -7.97
C GLU D 40 32.14 2.00 -8.49
N SER D 41 32.44 2.50 -9.68
CA SER D 41 31.67 3.57 -10.32
C SER D 41 30.17 3.30 -10.35
N LYS D 42 29.80 2.03 -10.54
CA LYS D 42 28.39 1.66 -10.57
C LYS D 42 27.77 1.69 -9.17
N LEU D 43 28.51 1.26 -8.16
CA LEU D 43 27.95 1.31 -6.82
C LEU D 43 27.72 2.77 -6.46
N LEU D 44 28.71 3.62 -6.68
CA LEU D 44 28.57 5.03 -6.37
C LEU D 44 27.31 5.58 -7.04
N GLU D 45 27.18 5.30 -8.34
CA GLU D 45 26.03 5.77 -9.11
C GLU D 45 24.73 5.24 -8.50
N ASN D 46 24.72 3.98 -8.09
CA ASN D 46 23.52 3.40 -7.51
C ASN D 46 23.27 3.96 -6.12
N LEU D 47 24.32 4.01 -5.30
CA LEU D 47 24.20 4.52 -3.96
C LEU D 47 23.74 5.97 -3.91
N ASN D 48 24.18 6.77 -4.86
CA ASN D 48 23.76 8.17 -4.85
C ASN D 48 22.32 8.35 -5.26
N LEU D 49 21.88 7.59 -6.26
CA LEU D 49 20.50 7.68 -6.70
C LEU D 49 19.60 7.33 -5.54
N LEU D 50 20.01 6.30 -4.80
CA LEU D 50 19.27 5.85 -3.65
C LEU D 50 19.19 6.97 -2.63
N LYS D 51 20.33 7.61 -2.36
CA LYS D 51 20.39 8.71 -1.41
C LYS D 51 19.40 9.79 -1.79
N ASN D 52 19.46 10.24 -3.05
CA ASN D 52 18.53 11.26 -3.50
C ASN D 52 17.10 10.78 -3.26
N GLU D 53 16.84 9.51 -3.57
CA GLU D 53 15.51 8.92 -3.39
C GLU D 53 15.13 8.86 -1.92
N ASN D 54 16.08 8.47 -1.07
CA ASN D 54 15.88 8.35 0.37
C ASN D 54 15.60 9.74 0.93
N GLU D 55 16.28 10.75 0.39
CA GLU D 55 16.10 12.13 0.84
C GLU D 55 14.68 12.64 0.56
N ASN D 56 14.17 12.33 -0.62
CA ASN D 56 12.83 12.77 -0.99
C ASN D 56 11.81 12.17 -0.05
N LEU D 57 11.99 10.90 0.29
CA LEU D 57 11.07 10.22 1.20
C LEU D 57 11.08 10.79 2.63
N ASN D 58 12.26 11.12 3.13
CA ASN D 58 12.35 11.69 4.47
C ASN D 58 11.64 13.03 4.49
N SER D 59 11.75 13.79 3.41
CA SER D 59 11.08 15.09 3.33
C SER D 59 9.58 14.92 3.34
N ILE D 60 9.10 13.98 2.53
CA ILE D 60 7.67 13.72 2.48
C ILE D 60 7.19 13.33 3.87
N PHE D 61 7.92 12.42 4.51
CA PHE D 61 7.58 11.97 5.87
C PHE D 61 7.47 13.16 6.83
N GLU D 62 8.43 14.08 6.76
CA GLU D 62 8.41 15.27 7.63
C GLU D 62 7.17 16.14 7.37
N ARG D 63 6.72 16.21 6.12
CA ARG D 63 5.53 17.00 5.82
C ARG D 63 4.27 16.34 6.37
N LYS D 64 4.11 15.03 6.17
CA LYS D 64 2.90 14.34 6.65
C LYS D 64 2.77 14.39 8.17
N ASN D 65 3.91 14.42 8.85
CA ASN D 65 3.90 14.50 10.31
C ASN D 65 3.38 15.85 10.81
N LYS D 66 3.74 16.94 10.14
CA LYS D 66 3.26 18.28 10.52
C LYS D 66 1.74 18.30 10.41
N LYS D 67 1.21 17.67 9.36
CA LYS D 67 -0.24 17.63 9.17
C LYS D 67 -0.93 16.87 10.29
N LEU D 68 -0.38 15.72 10.67
CA LEU D 68 -0.95 14.91 11.76
C LEU D 68 -0.93 15.72 13.07
N LYS D 69 0.22 16.31 13.39
CA LYS D 69 0.34 17.11 14.60
C LYS D 69 -0.79 18.16 14.54
N GLU D 70 -0.94 18.74 13.37
CA GLU D 70 -1.96 19.73 13.15
C GLU D 70 -3.32 19.09 13.42
N LEU D 71 -3.62 18.00 12.71
CA LEU D 71 -4.88 17.28 12.88
C LEU D 71 -5.12 16.85 14.31
N GLU D 72 -4.06 16.35 14.94
CA GLU D 72 -4.17 15.92 16.34
C GLU D 72 -4.58 17.09 17.24
N LYS D 73 -4.00 18.26 17.02
CA LYS D 73 -4.33 19.43 17.82
C LYS D 73 -5.78 19.84 17.59
N ASP D 74 -6.29 19.54 16.40
CA ASP D 74 -7.67 19.87 16.06
C ASP D 74 -8.68 18.96 16.77
N TYR D 75 -8.37 17.67 16.84
CA TYR D 75 -9.26 16.74 17.53
C TYR D 75 -9.34 17.06 19.02
N SER D 76 -8.25 17.54 19.59
CA SER D 76 -8.23 17.87 21.01
C SER D 76 -9.15 19.04 21.31
N GLU D 77 -9.09 20.07 20.47
CA GLU D 77 -9.94 21.23 20.67
C GLU D 77 -11.40 20.88 20.47
N LEU D 78 -11.66 20.06 19.46
CA LEU D 78 -13.01 19.63 19.15
C LEU D 78 -13.61 18.85 20.32
N SER D 79 -12.83 17.95 20.91
CA SER D 79 -13.34 17.19 22.04
C SER D 79 -13.65 18.15 23.20
N ASN D 80 -12.77 19.10 23.49
CA ASN D 80 -13.02 20.05 24.56
C ASN D 80 -14.34 20.75 24.31
N ARG D 81 -14.58 21.09 23.04
CA ARG D 81 -15.81 21.77 22.66
C ARG D 81 -17.04 20.89 22.93
N TYR D 82 -16.95 19.60 22.62
CA TYR D 82 -18.08 18.72 22.88
C TYR D 82 -18.28 18.63 24.40
N ASN D 83 -17.17 18.65 25.15
CA ASN D 83 -17.25 18.60 26.61
C ASN D 83 -17.92 19.88 27.13
N GLU D 84 -17.74 20.99 26.41
CA GLU D 84 -18.37 22.23 26.84
C GLU D 84 -19.87 22.17 26.62
N GLN D 85 -20.27 21.63 25.47
CA GLN D 85 -21.69 21.52 25.18
C GLN D 85 -22.33 20.59 26.20
N LYS D 86 -21.62 19.53 26.55
CA LYS D 86 -22.08 18.56 27.53
C LYS D 86 -22.41 19.29 28.83
N GLU D 87 -21.49 20.14 29.27
CA GLU D 87 -21.68 20.89 30.51
C GLU D 87 -22.86 21.85 30.46
N LYS D 88 -23.22 22.31 29.26
CA LYS D 88 -24.35 23.21 29.13
C LYS D 88 -25.66 22.46 29.30
N MET D 89 -25.70 21.23 28.80
CA MET D 89 -26.88 20.41 28.92
C MET D 89 -27.15 20.17 30.41
N ASP D 90 -26.08 19.88 31.15
CA ASP D 90 -26.17 19.64 32.59
C ASP D 90 -26.73 20.89 33.26
N GLN D 91 -26.11 22.02 32.94
CA GLN D 91 -26.51 23.31 33.49
C GLN D 91 -27.99 23.60 33.25
N LEU D 92 -28.50 23.19 32.10
CA LEU D 92 -29.91 23.42 31.77
C LEU D 92 -30.86 23.10 32.92
N SER D 93 -30.47 22.17 33.78
CA SER D 93 -31.34 21.76 34.89
C SER D 93 -31.08 22.32 36.28
N LYS D 94 -29.83 22.33 36.74
CA LYS D 94 -29.53 22.87 38.06
C LYS D 94 -30.21 24.25 38.14
N LEU D 95 -30.46 24.83 36.96
CA LEU D 95 -31.07 26.14 36.80
C LEU D 95 -32.59 26.28 36.95
N GLU E 6 -84.19 37.19 55.04
CA GLU E 6 -82.77 37.56 55.32
C GLU E 6 -81.84 36.36 55.13
N SER E 7 -82.34 35.17 55.44
CA SER E 7 -81.54 33.96 55.29
C SER E 7 -81.17 33.74 53.83
N LEU E 8 -82.13 34.01 52.94
CA LEU E 8 -81.93 33.86 51.51
C LEU E 8 -80.82 34.79 51.04
N HIS E 9 -80.85 36.02 51.53
CA HIS E 9 -79.84 37.02 51.18
C HIS E 9 -78.48 36.56 51.69
N ASP E 10 -78.45 35.97 52.87
CA ASP E 10 -77.21 35.48 53.46
C ASP E 10 -76.65 34.38 52.57
N GLN E 11 -77.53 33.51 52.08
CA GLN E 11 -77.14 32.42 51.20
C GLN E 11 -76.55 32.96 49.91
N ILE E 12 -77.15 34.02 49.39
CA ILE E 12 -76.68 34.64 48.16
C ILE E 12 -75.30 35.24 48.38
N ASP E 13 -75.10 35.84 49.56
CA ASP E 13 -73.80 36.43 49.91
C ASP E 13 -72.74 35.35 49.99
N MET E 14 -73.13 34.20 50.54
CA MET E 14 -72.23 33.07 50.69
C MET E 14 -71.79 32.58 49.32
N LEU E 15 -72.74 32.51 48.39
CA LEU E 15 -72.45 32.07 47.02
C LEU E 15 -71.57 33.07 46.32
N THR E 16 -71.78 34.35 46.59
CA THR E 16 -70.97 35.39 45.98
C THR E 16 -69.55 35.23 46.49
N LYS E 17 -69.43 34.89 47.77
CA LYS E 17 -68.12 34.69 48.37
C LYS E 17 -67.46 33.50 47.68
N THR E 18 -68.23 32.43 47.49
CA THR E 18 -67.73 31.22 46.83
C THR E 18 -67.23 31.55 45.42
N ASN E 19 -67.98 32.39 44.71
CA ASN E 19 -67.62 32.78 43.35
C ASN E 19 -66.31 33.53 43.31
N LEU E 20 -66.25 34.63 44.07
CA LEU E 20 -65.04 35.45 44.12
C LEU E 20 -63.86 34.61 44.60
N GLN E 21 -64.14 33.59 45.42
CA GLN E 21 -63.11 32.71 45.94
C GLN E 21 -62.58 31.76 44.87
N LEU E 22 -63.44 31.40 43.91
CA LEU E 22 -63.03 30.51 42.84
C LEU E 22 -62.40 31.31 41.70
N THR E 23 -62.63 32.62 41.70
CA THR E 23 -62.05 33.46 40.67
C THR E 23 -60.59 33.73 41.04
N THR E 24 -60.16 33.18 42.17
CA THR E 24 -58.77 33.31 42.59
C THR E 24 -58.10 32.02 42.15
N GLN E 25 -58.91 30.98 41.99
CA GLN E 25 -58.41 29.69 41.52
C GLN E 25 -57.89 30.02 40.12
N SER E 26 -58.68 30.80 39.39
CA SER E 26 -58.35 31.19 38.01
C SER E 26 -57.10 32.04 37.81
N GLN E 27 -57.02 33.21 38.44
CA GLN E 27 -55.84 34.07 38.32
C GLN E 27 -54.63 33.16 38.47
N ASN E 28 -54.60 32.52 39.63
CA ASN E 28 -53.57 31.58 40.02
C ASN E 28 -53.01 30.79 38.84
N LEU E 29 -53.88 29.96 38.27
CA LEU E 29 -53.51 29.07 37.18
C LEU E 29 -53.30 29.69 35.79
N LEU E 30 -53.85 30.87 35.57
CA LEU E 30 -53.65 31.55 34.30
C LEU E 30 -52.15 31.82 34.27
N SER E 31 -51.64 32.28 35.41
CA SER E 31 -50.22 32.59 35.57
C SER E 31 -49.36 31.34 35.38
N LYS E 32 -49.85 30.21 35.86
CA LYS E 32 -49.10 28.96 35.74
C LYS E 32 -48.98 28.46 34.31
N LEU E 33 -49.98 28.72 33.48
CA LEU E 33 -49.92 28.28 32.09
C LEU E 33 -48.94 29.18 31.37
N GLU E 34 -48.82 30.42 31.84
CA GLU E 34 -47.89 31.38 31.26
C GLU E 34 -46.50 30.85 31.63
N LEU E 35 -46.40 30.31 32.85
CA LEU E 35 -45.15 29.75 33.34
C LEU E 35 -44.71 28.68 32.35
N ALA E 36 -45.70 27.94 31.84
CA ALA E 36 -45.46 26.87 30.89
C ALA E 36 -44.56 27.30 29.73
N GLN E 37 -45.03 28.27 28.95
CA GLN E 37 -44.26 28.73 27.80
C GLN E 37 -42.93 29.35 28.18
N SER E 38 -42.91 30.09 29.29
CA SER E 38 -41.67 30.70 29.73
C SER E 38 -40.62 29.60 29.81
N LYS E 39 -40.96 28.57 30.59
CA LYS E 39 -40.09 27.42 30.77
C LYS E 39 -39.82 26.73 29.43
N GLU E 40 -40.89 26.24 28.82
CA GLU E 40 -40.80 25.52 27.55
C GLU E 40 -40.10 26.28 26.43
N SER E 41 -40.38 27.57 26.32
CA SER E 41 -39.76 28.38 25.28
C SER E 41 -38.27 28.51 25.55
N LYS E 42 -37.93 28.74 26.82
CA LYS E 42 -36.52 28.85 27.21
C LYS E 42 -35.86 27.55 26.74
N LEU E 43 -36.47 26.43 27.13
CA LEU E 43 -35.95 25.11 26.75
C LEU E 43 -35.78 25.04 25.24
N LEU E 44 -36.86 25.32 24.51
CA LEU E 44 -36.85 25.28 23.05
C LEU E 44 -35.66 26.05 22.48
N GLU E 45 -35.57 27.33 22.85
CA GLU E 45 -34.49 28.19 22.38
C GLU E 45 -33.13 27.61 22.68
N ASN E 46 -32.87 27.31 23.95
CA ASN E 46 -31.59 26.75 24.35
C ASN E 46 -31.27 25.47 23.60
N LEU E 47 -32.25 24.58 23.51
CA LEU E 47 -32.07 23.32 22.82
C LEU E 47 -31.67 23.56 21.37
N ASN E 48 -32.32 24.51 20.72
CA ASN E 48 -31.98 24.83 19.34
C ASN E 48 -30.63 25.51 19.30
N LEU E 49 -30.29 26.20 20.38
CA LEU E 49 -28.99 26.87 20.49
C LEU E 49 -27.97 25.75 20.56
N LEU E 50 -28.22 24.80 21.46
CA LEU E 50 -27.36 23.65 21.63
C LEU E 50 -27.39 22.86 20.33
N LYS E 51 -28.61 22.54 19.89
CA LYS E 51 -28.80 21.79 18.65
C LYS E 51 -27.96 22.41 17.54
N ASN E 52 -27.87 23.73 17.53
CA ASN E 52 -27.11 24.42 16.49
C ASN E 52 -25.60 24.34 16.61
N GLU E 53 -25.06 24.44 17.83
CA GLU E 53 -23.61 24.33 17.95
C GLU E 53 -23.21 22.88 17.81
N ASN E 54 -24.05 21.97 18.30
CA ASN E 54 -23.80 20.54 18.19
C ASN E 54 -23.57 20.25 16.70
N GLU E 55 -24.38 20.87 15.86
CA GLU E 55 -24.24 20.65 14.43
C GLU E 55 -23.01 21.32 13.81
N ASN E 56 -22.59 22.45 14.38
CA ASN E 56 -21.39 23.10 13.87
C ASN E 56 -20.23 22.17 14.21
N LEU E 57 -20.27 21.61 15.42
CA LEU E 57 -19.23 20.69 15.87
C LEU E 57 -19.24 19.38 15.06
N ASN E 58 -20.40 18.96 14.57
CA ASN E 58 -20.44 17.71 13.80
C ASN E 58 -19.78 17.88 12.46
N SER E 59 -19.97 19.05 11.86
CA SER E 59 -19.38 19.36 10.56
C SER E 59 -17.87 19.49 10.64
N ILE E 60 -17.37 20.04 11.75
CA ILE E 60 -15.94 20.19 11.93
C ILE E 60 -15.35 18.79 12.02
N PHE E 61 -16.02 17.93 12.79
CA PHE E 61 -15.58 16.54 12.96
C PHE E 61 -15.46 15.84 11.61
N GLU E 62 -16.50 15.93 10.80
CA GLU E 62 -16.47 15.29 9.49
C GLU E 62 -15.34 15.80 8.61
N ARG E 63 -14.94 17.07 8.79
CA ARG E 63 -13.85 17.62 7.99
C ARG E 63 -12.49 17.08 8.39
N LYS E 64 -12.29 16.87 9.68
CA LYS E 64 -11.02 16.33 10.17
C LYS E 64 -10.86 14.88 9.75
N ASN E 65 -11.95 14.11 9.87
CA ASN E 65 -11.91 12.70 9.50
C ASN E 65 -11.57 12.57 8.03
N LYS E 66 -12.07 13.52 7.23
CA LYS E 66 -11.80 13.54 5.79
C LYS E 66 -10.30 13.71 5.56
N LYS E 67 -9.67 14.56 6.37
CA LYS E 67 -8.23 14.79 6.26
C LYS E 67 -7.44 13.59 6.83
N LEU E 68 -7.90 13.05 7.95
CA LEU E 68 -7.24 11.90 8.55
C LEU E 68 -7.25 10.71 7.58
N LYS E 69 -8.32 10.61 6.78
CA LYS E 69 -8.41 9.53 5.81
C LYS E 69 -7.32 9.75 4.76
N GLU E 70 -7.02 11.00 4.45
CA GLU E 70 -5.98 11.30 3.47
C GLU E 70 -4.62 10.83 4.02
N LEU E 71 -4.32 11.16 5.28
CA LEU E 71 -3.05 10.73 5.87
C LEU E 71 -2.87 9.20 5.85
N GLU E 72 -3.96 8.46 6.11
CA GLU E 72 -3.93 6.98 6.05
C GLU E 72 -3.33 6.58 4.71
N LYS E 73 -3.83 7.23 3.66
CA LYS E 73 -3.39 6.97 2.30
C LYS E 73 -1.94 7.35 2.11
N ASP E 74 -1.58 8.53 2.59
CA ASP E 74 -0.22 9.02 2.46
C ASP E 74 0.82 8.18 3.17
N TYR E 75 0.55 7.83 4.42
CA TYR E 75 1.48 7.00 5.18
C TYR E 75 1.60 5.61 4.54
N SER E 76 0.47 5.03 4.14
CA SER E 76 0.49 3.72 3.51
C SER E 76 1.38 3.77 2.28
N GLU E 77 1.18 4.82 1.48
CA GLU E 77 1.94 4.98 0.26
C GLU E 77 3.41 5.18 0.54
N LEU E 78 3.69 6.04 1.51
CA LEU E 78 5.06 6.37 1.90
C LEU E 78 5.73 5.12 2.46
N SER E 79 5.00 4.35 3.23
CA SER E 79 5.55 3.12 3.79
C SER E 79 5.98 2.21 2.65
N ASN E 80 5.10 2.04 1.66
CA ASN E 80 5.42 1.19 0.53
C ASN E 80 6.66 1.65 -0.20
N ARG E 81 6.78 2.97 -0.38
CA ARG E 81 7.94 3.50 -1.06
C ARG E 81 9.23 3.09 -0.33
N TYR E 82 9.23 3.20 1.00
CA TYR E 82 10.41 2.80 1.79
C TYR E 82 10.69 1.30 1.66
N ASN E 83 9.63 0.50 1.47
CA ASN E 83 9.86 -0.93 1.31
C ASN E 83 10.54 -1.17 -0.03
N GLU E 84 10.17 -0.38 -1.03
CA GLU E 84 10.81 -0.54 -2.32
C GLU E 84 12.24 -0.10 -2.29
N GLN E 85 12.52 0.97 -1.54
CA GLN E 85 13.89 1.46 -1.49
C GLN E 85 14.85 0.45 -0.88
N LYS E 86 14.35 -0.33 0.07
CA LYS E 86 15.17 -1.35 0.70
C LYS E 86 15.35 -2.53 -0.25
N GLU E 87 14.35 -2.84 -1.06
CA GLU E 87 14.49 -3.94 -2.02
C GLU E 87 15.67 -3.62 -2.93
N LYS E 88 15.77 -2.36 -3.36
CA LYS E 88 16.85 -1.93 -4.23
C LYS E 88 18.19 -1.99 -3.49
N MET E 89 18.20 -1.48 -2.26
CA MET E 89 19.43 -1.49 -1.46
C MET E 89 19.86 -2.93 -1.24
N ASP E 90 18.91 -3.75 -0.82
CA ASP E 90 19.16 -5.16 -0.57
C ASP E 90 19.74 -5.79 -1.82
N GLN E 91 19.01 -5.64 -2.91
CA GLN E 91 19.46 -6.21 -4.17
C GLN E 91 20.76 -5.56 -4.60
N LEU E 92 21.01 -4.35 -4.13
CA LEU E 92 22.22 -3.62 -4.47
C LEU E 92 23.54 -4.24 -3.94
N SER E 93 23.45 -5.45 -3.38
CA SER E 93 24.60 -6.18 -2.84
C SER E 93 24.27 -7.67 -2.86
N LYS E 94 23.93 -8.19 -4.04
CA LYS E 94 23.51 -9.57 -4.15
C LYS E 94 24.32 -10.55 -4.98
N LEU E 95 24.02 -11.81 -4.64
CA LEU E 95 24.51 -13.07 -5.18
C LEU E 95 25.96 -13.16 -5.63
N ILE F 5 -83.36 16.98 22.47
CA ILE F 5 -82.21 16.06 22.75
C ILE F 5 -81.81 15.29 21.50
N GLU F 6 -82.69 15.27 20.50
CA GLU F 6 -82.41 14.56 19.26
C GLU F 6 -81.22 15.17 18.54
N SER F 7 -81.14 16.49 18.55
CA SER F 7 -80.03 17.19 17.90
C SER F 7 -78.73 16.81 18.60
N LEU F 8 -78.80 16.71 19.92
CA LEU F 8 -77.64 16.35 20.73
C LEU F 8 -77.17 14.93 20.37
N HIS F 9 -78.13 14.04 20.18
CA HIS F 9 -77.84 12.66 19.82
C HIS F 9 -77.19 12.62 18.45
N ASP F 10 -77.68 13.47 17.55
CA ASP F 10 -77.14 13.56 16.20
C ASP F 10 -75.68 14.00 16.26
N GLN F 11 -75.42 14.98 17.12
CA GLN F 11 -74.07 15.50 17.32
C GLN F 11 -73.16 14.40 17.84
N ILE F 12 -73.70 13.59 18.76
CA ILE F 12 -72.96 12.49 19.34
C ILE F 12 -72.61 11.48 18.24
N ASP F 13 -73.56 11.19 17.36
CA ASP F 13 -73.33 10.26 16.27
C ASP F 13 -72.27 10.82 15.33
N MET F 14 -72.40 12.10 15.01
CA MET F 14 -71.44 12.76 14.13
C MET F 14 -70.04 12.60 14.70
N LEU F 15 -69.89 12.92 15.98
CA LEU F 15 -68.60 12.81 16.64
C LEU F 15 -68.05 11.41 16.40
N THR F 16 -68.78 10.40 16.84
CA THR F 16 -68.39 9.01 16.67
C THR F 16 -67.89 8.74 15.25
N LYS F 17 -68.66 9.15 14.24
CA LYS F 17 -68.26 8.92 12.86
C LYS F 17 -67.04 9.73 12.42
N THR F 18 -67.11 11.06 12.48
CA THR F 18 -65.97 11.91 12.11
C THR F 18 -64.75 11.30 12.78
N ASN F 19 -64.94 10.95 14.05
CA ASN F 19 -63.90 10.39 14.89
C ASN F 19 -63.42 8.97 14.59
N LEU F 20 -64.34 8.07 14.23
CA LEU F 20 -63.95 6.70 13.90
C LEU F 20 -62.93 6.79 12.78
N GLN F 21 -63.11 7.80 11.92
CA GLN F 21 -62.22 8.05 10.79
C GLN F 21 -60.78 8.22 11.28
N LEU F 22 -60.62 9.02 12.32
CA LEU F 22 -59.31 9.25 12.91
C LEU F 22 -58.63 7.94 13.30
N THR F 23 -59.37 7.03 13.91
CA THR F 23 -58.81 5.74 14.31
C THR F 23 -58.32 5.01 13.07
N THR F 24 -59.12 5.07 12.00
CA THR F 24 -58.74 4.43 10.74
C THR F 24 -57.43 5.00 10.21
N GLN F 25 -57.27 6.32 10.34
CA GLN F 25 -56.07 7.00 9.88
C GLN F 25 -54.83 6.55 10.65
N SER F 26 -54.98 6.39 11.96
CA SER F 26 -53.87 5.97 12.79
C SER F 26 -53.47 4.53 12.47
N GLN F 27 -54.46 3.71 12.13
CA GLN F 27 -54.21 2.31 11.82
C GLN F 27 -53.43 2.11 10.51
N ASN F 28 -53.70 2.94 9.52
CA ASN F 28 -53.02 2.82 8.23
C ASN F 28 -51.55 3.25 8.34
N LEU F 29 -51.30 4.33 9.07
CA LEU F 29 -49.94 4.83 9.25
C LEU F 29 -49.13 3.83 10.06
N LEU F 30 -49.82 3.06 10.89
CA LEU F 30 -49.19 2.05 11.73
C LEU F 30 -48.84 0.86 10.85
N SER F 31 -49.67 0.61 9.85
CA SER F 31 -49.47 -0.49 8.92
C SER F 31 -48.30 -0.11 8.03
N LYS F 32 -48.18 1.18 7.77
CA LYS F 32 -47.09 1.70 6.94
C LYS F 32 -45.77 1.57 7.70
N LEU F 33 -45.81 1.82 9.00
CA LEU F 33 -44.63 1.73 9.85
C LEU F 33 -44.19 0.27 9.95
N GLU F 34 -45.16 -0.63 9.95
CA GLU F 34 -44.88 -2.06 10.03
C GLU F 34 -44.18 -2.51 8.75
N LEU F 35 -44.62 -1.97 7.62
CA LEU F 35 -44.04 -2.30 6.33
C LEU F 35 -42.65 -1.69 6.23
N ALA F 36 -42.52 -0.44 6.68
CA ALA F 36 -41.23 0.25 6.64
C ALA F 36 -40.21 -0.47 7.51
N GLN F 37 -40.63 -0.84 8.73
CA GLN F 37 -39.74 -1.55 9.63
C GLN F 37 -39.31 -2.86 8.98
N SER F 38 -40.25 -3.56 8.36
CA SER F 38 -39.94 -4.82 7.70
C SER F 38 -38.93 -4.61 6.57
N LYS F 39 -39.08 -3.52 5.82
CA LYS F 39 -38.16 -3.20 4.73
C LYS F 39 -36.76 -2.91 5.26
N GLU F 40 -36.69 -2.17 6.36
CA GLU F 40 -35.41 -1.82 6.99
C GLU F 40 -34.69 -3.09 7.42
N SER F 41 -35.44 -4.03 7.99
CA SER F 41 -34.86 -5.29 8.44
C SER F 41 -34.36 -6.08 7.25
N LYS F 42 -35.12 -6.04 6.17
CA LYS F 42 -34.76 -6.75 4.96
C LYS F 42 -33.51 -6.17 4.29
N LEU F 43 -33.44 -4.85 4.19
CA LEU F 43 -32.31 -4.19 3.56
C LEU F 43 -30.99 -4.37 4.31
N LEU F 44 -31.02 -4.22 5.62
CA LEU F 44 -29.82 -4.36 6.43
C LEU F 44 -29.34 -5.81 6.37
N GLU F 45 -30.29 -6.75 6.43
CA GLU F 45 -29.95 -8.16 6.35
C GLU F 45 -29.11 -8.38 5.10
N ASN F 46 -29.48 -7.69 4.02
CA ASN F 46 -28.76 -7.84 2.77
C ASN F 46 -27.42 -7.13 2.80
N LEU F 47 -27.39 -5.90 3.32
CA LEU F 47 -26.14 -5.14 3.38
C LEU F 47 -25.12 -5.85 4.26
N ASN F 48 -25.59 -6.49 5.32
CA ASN F 48 -24.67 -7.19 6.21
C ASN F 48 -24.07 -8.39 5.50
N LEU F 49 -24.88 -9.05 4.68
CA LEU F 49 -24.40 -10.22 3.96
C LEU F 49 -23.27 -9.84 3.01
N LEU F 50 -23.49 -8.79 2.25
CA LEU F 50 -22.48 -8.34 1.30
C LEU F 50 -21.25 -7.84 2.01
N LYS F 51 -21.48 -7.10 3.10
CA LYS F 51 -20.39 -6.54 3.88
C LYS F 51 -19.44 -7.67 4.17
N ASN F 52 -20.01 -8.76 4.66
CA ASN F 52 -19.18 -9.89 4.98
C ASN F 52 -18.52 -10.48 3.75
N GLU F 53 -19.19 -10.46 2.60
CA GLU F 53 -18.61 -10.99 1.37
C GLU F 53 -17.53 -10.05 0.85
N ASN F 54 -17.76 -8.76 1.02
CA ASN F 54 -16.84 -7.71 0.59
C ASN F 54 -15.57 -7.78 1.43
N GLU F 55 -15.71 -8.21 2.68
CA GLU F 55 -14.57 -8.33 3.57
C GLU F 55 -13.78 -9.56 3.14
N ASN F 56 -14.50 -10.58 2.67
CA ASN F 56 -13.87 -11.80 2.21
C ASN F 56 -13.03 -11.52 0.99
N LEU F 57 -13.57 -10.72 0.06
CA LEU F 57 -12.84 -10.35 -1.14
C LEU F 57 -11.63 -9.45 -0.83
N ASN F 58 -11.79 -8.48 0.05
CA ASN F 58 -10.67 -7.61 0.40
C ASN F 58 -9.52 -8.43 0.96
N SER F 59 -9.85 -9.43 1.77
CA SER F 59 -8.84 -10.29 2.36
C SER F 59 -8.10 -11.10 1.31
N ILE F 60 -8.80 -11.51 0.26
CA ILE F 60 -8.17 -12.27 -0.82
C ILE F 60 -7.22 -11.36 -1.61
N PHE F 61 -7.67 -10.15 -1.89
CA PHE F 61 -6.85 -9.19 -2.63
C PHE F 61 -5.53 -8.96 -1.91
N GLU F 62 -5.59 -8.73 -0.60
CA GLU F 62 -4.38 -8.51 0.21
C GLU F 62 -3.43 -9.72 0.17
N ARG F 63 -3.99 -10.92 0.06
CA ARG F 63 -3.18 -12.12 0.02
C ARG F 63 -2.46 -12.23 -1.32
N LYS F 64 -3.18 -11.92 -2.40
CA LYS F 64 -2.61 -11.99 -3.75
C LYS F 64 -1.51 -10.95 -3.92
N ASN F 65 -1.75 -9.75 -3.39
CA ASN F 65 -0.76 -8.69 -3.49
C ASN F 65 0.54 -9.16 -2.85
N LYS F 66 0.45 -9.86 -1.73
CA LYS F 66 1.64 -10.38 -1.06
C LYS F 66 2.42 -11.37 -1.90
N LYS F 67 1.72 -12.23 -2.64
CA LYS F 67 2.39 -13.20 -3.51
C LYS F 67 3.04 -12.47 -4.69
N LEU F 68 2.33 -11.49 -5.23
CA LEU F 68 2.84 -10.69 -6.34
C LEU F 68 4.10 -9.94 -5.91
N LYS F 69 4.08 -9.35 -4.72
CA LYS F 69 5.25 -8.61 -4.25
C LYS F 69 6.45 -9.53 -4.12
N GLU F 70 6.23 -10.77 -3.68
CA GLU F 70 7.37 -11.67 -3.57
C GLU F 70 7.88 -11.97 -4.96
N LEU F 71 6.96 -12.27 -5.88
CA LEU F 71 7.31 -12.60 -7.26
C LEU F 71 8.06 -11.50 -7.98
N GLU F 72 7.71 -10.25 -7.71
CA GLU F 72 8.42 -9.16 -8.39
C GLU F 72 9.83 -9.08 -7.86
N LYS F 73 9.96 -9.36 -6.58
CA LYS F 73 11.22 -9.36 -5.88
C LYS F 73 12.09 -10.45 -6.48
N ASP F 74 11.46 -11.56 -6.87
CA ASP F 74 12.20 -12.68 -7.48
C ASP F 74 12.67 -12.34 -8.87
N TYR F 75 11.82 -11.68 -9.64
CA TYR F 75 12.18 -11.28 -10.99
C TYR F 75 13.34 -10.26 -11.00
N SER F 76 13.30 -9.29 -10.08
CA SER F 76 14.38 -8.29 -10.01
C SER F 76 15.69 -8.98 -9.71
N GLU F 77 15.65 -9.87 -8.72
CA GLU F 77 16.85 -10.61 -8.36
C GLU F 77 17.29 -11.52 -9.51
N LEU F 78 16.32 -12.10 -10.22
CA LEU F 78 16.62 -12.99 -11.34
C LEU F 78 17.25 -12.23 -12.49
N SER F 79 16.76 -11.03 -12.77
CA SER F 79 17.33 -10.24 -13.84
C SER F 79 18.76 -9.86 -13.50
N ASN F 80 19.05 -9.67 -12.22
CA ASN F 80 20.38 -9.30 -11.78
C ASN F 80 21.37 -10.44 -11.99
N ARG F 81 20.91 -11.68 -11.82
CA ARG F 81 21.78 -12.81 -12.01
C ARG F 81 22.15 -12.94 -13.48
N TYR F 82 21.20 -12.69 -14.37
CA TYR F 82 21.47 -12.77 -15.79
C TYR F 82 22.48 -11.68 -16.19
N ASN F 83 22.42 -10.54 -15.52
CA ASN F 83 23.36 -9.45 -15.82
C ASN F 83 24.76 -9.83 -15.39
N GLU F 84 24.86 -10.60 -14.32
CA GLU F 84 26.16 -11.04 -13.83
C GLU F 84 26.78 -12.00 -14.84
N GLN F 85 25.99 -12.96 -15.30
CA GLN F 85 26.44 -13.94 -16.27
C GLN F 85 26.93 -13.25 -17.53
N LYS F 86 26.18 -12.23 -17.97
CA LYS F 86 26.57 -11.50 -19.16
C LYS F 86 27.93 -10.86 -18.93
N GLU F 87 28.18 -10.38 -17.72
CA GLU F 87 29.47 -9.75 -17.42
C GLU F 87 30.61 -10.77 -17.46
N LYS F 88 30.31 -12.00 -17.07
CA LYS F 88 31.30 -13.07 -17.09
C LYS F 88 31.67 -13.42 -18.52
N MET F 89 30.70 -13.36 -19.42
CA MET F 89 30.94 -13.66 -20.83
C MET F 89 31.86 -12.58 -21.37
N ASP F 90 31.63 -11.34 -20.95
CA ASP F 90 32.46 -10.23 -21.40
C ASP F 90 33.90 -10.47 -20.96
N GLN F 91 34.05 -10.87 -19.70
CA GLN F 91 35.38 -11.14 -19.13
C GLN F 91 36.06 -12.28 -19.84
N LEU F 92 35.30 -13.32 -20.17
CA LEU F 92 35.84 -14.48 -20.85
C LEU F 92 36.63 -14.06 -22.09
N SER F 93 35.94 -13.41 -23.03
CA SER F 93 36.59 -12.97 -24.26
C SER F 93 37.66 -11.94 -23.92
N LYS F 94 37.34 -11.04 -22.99
CA LYS F 94 38.26 -10.00 -22.58
C LYS F 94 39.63 -10.47 -22.13
N LEU F 95 40.61 -9.98 -22.87
CA LEU F 95 42.02 -10.24 -22.61
C LEU F 95 42.31 -9.40 -21.38
N HIS G 9 -74.77 16.51 26.68
CA HIS G 9 -73.63 17.32 26.18
C HIS G 9 -72.29 16.76 26.65
N ASP G 10 -72.28 16.15 27.83
CA ASP G 10 -71.05 15.59 28.37
C ASP G 10 -70.52 14.45 27.49
N GLN G 11 -71.44 13.63 26.99
CA GLN G 11 -71.07 12.51 26.13
C GLN G 11 -70.39 13.04 24.86
N ILE G 12 -70.94 14.14 24.34
CA ILE G 12 -70.42 14.77 23.14
C ILE G 12 -69.02 15.31 23.44
N ASP G 13 -68.87 15.92 24.61
CA ASP G 13 -67.58 16.46 25.00
C ASP G 13 -66.55 15.34 25.07
N MET G 14 -66.96 14.19 25.60
CA MET G 14 -66.07 13.04 25.70
C MET G 14 -65.66 12.55 24.33
N LEU G 15 -66.61 12.49 23.40
CA LEU G 15 -66.33 12.04 22.04
C LEU G 15 -65.37 13.00 21.36
N THR G 16 -65.50 14.29 21.69
CA THR G 16 -64.63 15.30 21.11
C THR G 16 -63.20 15.13 21.62
N LYS G 17 -63.07 14.78 22.90
CA LYS G 17 -61.75 14.56 23.49
C LYS G 17 -61.11 13.32 22.87
N THR G 18 -61.93 12.29 22.65
CA THR G 18 -61.43 11.05 22.06
C THR G 18 -60.97 11.33 20.64
N ASN G 19 -61.71 12.20 19.94
CA ASN G 19 -61.38 12.57 18.58
C ASN G 19 -60.06 13.31 18.55
N LEU G 20 -59.94 14.34 19.37
CA LEU G 20 -58.71 15.13 19.42
C LEU G 20 -57.48 14.25 19.61
N GLN G 21 -57.59 13.26 20.50
CA GLN G 21 -56.48 12.35 20.77
C GLN G 21 -56.09 11.59 19.50
N LEU G 22 -57.08 11.11 18.77
CA LEU G 22 -56.85 10.38 17.53
C LEU G 22 -56.18 11.27 16.49
N THR G 23 -56.56 12.55 16.47
CA THR G 23 -55.98 13.50 15.52
C THR G 23 -54.51 13.66 15.87
N THR G 24 -54.21 13.71 17.16
CA THR G 24 -52.84 13.86 17.64
C THR G 24 -52.04 12.62 17.23
N GLN G 25 -52.68 11.47 17.32
CA GLN G 25 -52.05 10.20 16.96
C GLN G 25 -51.70 10.22 15.46
N SER G 26 -52.64 10.71 14.66
CA SER G 26 -52.44 10.80 13.21
C SER G 26 -51.28 11.74 12.89
N GLN G 27 -51.18 12.83 13.65
CA GLN G 27 -50.12 13.81 13.45
C GLN G 27 -48.77 13.19 13.78
N ASN G 28 -48.74 12.41 14.86
CA ASN G 28 -47.51 11.75 15.28
C ASN G 28 -47.06 10.76 14.22
N LEU G 29 -48.00 10.01 13.67
CA LEU G 29 -47.69 9.03 12.64
C LEU G 29 -47.20 9.68 11.36
N LEU G 30 -47.66 10.90 11.08
CA LEU G 30 -47.23 11.62 9.89
C LEU G 30 -45.78 12.04 10.08
N SER G 31 -45.45 12.51 11.27
CA SER G 31 -44.10 12.95 11.59
C SER G 31 -43.18 11.74 11.50
N LYS G 32 -43.64 10.60 12.01
CA LYS G 32 -42.87 9.36 11.97
C LYS G 32 -42.58 9.03 10.51
N LEU G 33 -43.60 9.12 9.68
CA LEU G 33 -43.47 8.83 8.26
C LEU G 33 -42.47 9.76 7.59
N GLU G 34 -42.56 11.05 7.87
CA GLU G 34 -41.65 12.00 7.27
C GLU G 34 -40.20 11.68 7.68
N LEU G 35 -40.02 11.27 8.93
CA LEU G 35 -38.69 10.91 9.42
C LEU G 35 -38.14 9.71 8.67
N ALA G 36 -38.97 8.68 8.52
CA ALA G 36 -38.58 7.47 7.81
C ALA G 36 -38.20 7.80 6.36
N GLN G 37 -38.93 8.74 5.77
CA GLN G 37 -38.65 9.18 4.40
C GLN G 37 -37.28 9.81 4.30
N SER G 38 -36.94 10.65 5.27
CA SER G 38 -35.64 11.31 5.28
C SER G 38 -34.52 10.30 5.43
N LYS G 39 -34.71 9.32 6.32
CA LYS G 39 -33.71 8.30 6.56
C LYS G 39 -33.54 7.40 5.33
N GLU G 40 -34.64 7.13 4.64
CA GLU G 40 -34.63 6.29 3.45
C GLU G 40 -33.96 7.02 2.29
N SER G 41 -34.21 8.32 2.19
CA SER G 41 -33.63 9.13 1.13
C SER G 41 -32.12 9.23 1.37
N LYS G 42 -31.73 9.36 2.63
CA LYS G 42 -30.33 9.47 2.98
C LYS G 42 -29.60 8.17 2.65
N LEU G 43 -30.28 7.05 2.88
CA LEU G 43 -29.68 5.75 2.60
C LEU G 43 -29.55 5.59 1.09
N LEU G 44 -30.55 6.05 0.34
CA LEU G 44 -30.52 5.95 -1.12
C LEU G 44 -29.39 6.81 -1.67
N GLU G 45 -29.23 8.00 -1.12
CA GLU G 45 -28.19 8.93 -1.56
C GLU G 45 -26.81 8.28 -1.44
N ASN G 46 -26.46 7.84 -0.23
CA ASN G 46 -25.16 7.21 0.02
C ASN G 46 -24.98 5.91 -0.76
N LEU G 47 -26.01 5.06 -0.75
CA LEU G 47 -25.98 3.77 -1.43
C LEU G 47 -25.67 3.87 -2.92
N ASN G 48 -26.41 4.71 -3.64
CA ASN G 48 -26.17 4.85 -5.06
C ASN G 48 -24.81 5.49 -5.29
N LEU G 49 -24.31 6.16 -4.27
CA LEU G 49 -23.03 6.84 -4.34
C LEU G 49 -21.83 5.92 -4.17
N LEU G 50 -21.95 4.89 -3.34
CA LEU G 50 -20.85 3.96 -3.21
C LEU G 50 -20.83 3.22 -4.51
N LYS G 51 -22.02 2.78 -4.92
CA LYS G 51 -22.25 2.04 -6.16
C LYS G 51 -21.41 2.61 -7.25
N ASN G 52 -21.47 3.92 -7.35
CA ASN G 52 -20.74 4.61 -8.36
C ASN G 52 -19.24 4.50 -8.21
N GLU G 53 -18.72 4.67 -7.00
CA GLU G 53 -17.29 4.55 -6.79
C GLU G 53 -16.87 3.07 -6.91
N ASN G 54 -17.78 2.18 -6.53
CA ASN G 54 -17.60 0.74 -6.60
C ASN G 54 -17.36 0.39 -8.07
N GLU G 55 -18.12 1.05 -8.94
CA GLU G 55 -18.02 0.84 -10.37
C GLU G 55 -16.70 1.37 -10.93
N ASN G 56 -16.23 2.48 -10.36
CA ASN G 56 -14.96 3.07 -10.81
C ASN G 56 -13.82 2.14 -10.46
N LEU G 57 -13.87 1.55 -9.27
CA LEU G 57 -12.82 0.65 -8.83
C LEU G 57 -12.84 -0.66 -9.65
N ASN G 58 -14.02 -1.24 -9.85
CA ASN G 58 -14.11 -2.47 -10.64
C ASN G 58 -13.47 -2.24 -12.00
N SER G 59 -13.74 -1.06 -12.55
CA SER G 59 -13.22 -0.65 -13.84
C SER G 59 -11.71 -0.56 -13.82
N ILE G 60 -11.14 -0.05 -12.73
CA ILE G 60 -9.69 0.06 -12.65
C ILE G 60 -9.07 -1.33 -12.58
N PHE G 61 -9.68 -2.20 -11.78
CA PHE G 61 -9.21 -3.58 -11.63
C PHE G 61 -9.05 -4.25 -13.00
N GLU G 62 -10.06 -4.11 -13.85
CA GLU G 62 -10.00 -4.70 -15.18
C GLU G 62 -8.91 -4.12 -16.07
N ARG G 63 -8.56 -2.84 -15.89
CA ARG G 63 -7.50 -2.27 -16.71
C ARG G 63 -6.17 -2.88 -16.28
N LYS G 64 -5.99 -3.03 -14.97
CA LYS G 64 -4.72 -3.58 -14.44
C LYS G 64 -4.52 -5.05 -14.81
N ASN G 65 -5.59 -5.83 -14.72
CA ASN G 65 -5.50 -7.25 -15.08
C ASN G 65 -5.03 -7.39 -16.53
N LYS G 66 -5.52 -6.51 -17.42
CA LYS G 66 -5.09 -6.53 -18.83
C LYS G 66 -3.59 -6.30 -18.99
N LYS G 67 -3.01 -5.41 -18.17
CA LYS G 67 -1.57 -5.15 -18.25
C LYS G 67 -0.76 -6.35 -17.76
N LEU G 68 -1.20 -6.94 -16.65
CA LEU G 68 -0.56 -8.12 -16.09
C LEU G 68 -0.61 -9.23 -17.16
N LYS G 69 -1.77 -9.41 -17.80
CA LYS G 69 -1.87 -10.43 -18.82
C LYS G 69 -0.84 -10.17 -19.91
N GLU G 70 -0.66 -8.90 -20.24
CA GLU G 70 0.33 -8.53 -21.24
C GLU G 70 1.72 -8.83 -20.69
N LEU G 71 2.00 -8.36 -19.47
CA LEU G 71 3.29 -8.56 -18.84
C LEU G 71 3.67 -10.04 -18.68
N GLU G 72 2.68 -10.87 -18.35
CA GLU G 72 2.93 -12.32 -18.23
C GLU G 72 3.31 -12.95 -19.58
N LYS G 73 2.70 -12.43 -20.65
CA LYS G 73 2.98 -12.95 -21.98
C LYS G 73 4.35 -12.63 -22.43
N ASP G 74 4.83 -11.50 -21.93
CA ASP G 74 6.18 -11.02 -22.21
C ASP G 74 7.24 -11.84 -21.44
N TYR G 75 6.95 -12.09 -20.17
CA TYR G 75 7.86 -12.90 -19.37
C TYR G 75 8.01 -14.30 -19.94
N SER G 76 6.90 -14.88 -20.40
CA SER G 76 6.92 -16.22 -20.99
C SER G 76 7.72 -16.23 -22.27
N GLU G 77 7.52 -15.20 -23.09
CA GLU G 77 8.26 -15.11 -24.35
C GLU G 77 9.74 -14.88 -24.06
N LEU G 78 10.04 -14.05 -23.07
CA LEU G 78 11.42 -13.76 -22.72
C LEU G 78 12.11 -15.01 -22.21
N SER G 79 11.44 -15.76 -21.36
CA SER G 79 12.04 -16.98 -20.83
C SER G 79 12.41 -17.91 -21.96
N ASN G 80 11.52 -18.09 -22.94
CA ASN G 80 11.84 -18.97 -24.05
C ASN G 80 13.02 -18.45 -24.82
N ARG G 81 13.13 -17.12 -24.92
CA ARG G 81 14.24 -16.51 -25.62
C ARG G 81 15.55 -16.92 -24.93
N TYR G 82 15.55 -16.92 -23.61
CA TYR G 82 16.76 -17.28 -22.87
C TYR G 82 17.03 -18.78 -23.05
N ASN G 83 15.97 -19.58 -23.18
CA ASN G 83 16.15 -21.02 -23.37
C ASN G 83 16.81 -21.28 -24.71
N GLU G 84 16.47 -20.46 -25.71
CA GLU G 84 17.07 -20.62 -27.03
C GLU G 84 18.57 -20.36 -26.95
N GLN G 85 18.93 -19.28 -26.26
CA GLN G 85 20.32 -18.89 -26.11
C GLN G 85 21.15 -19.95 -25.41
N LYS G 86 20.54 -20.65 -24.47
CA LYS G 86 21.23 -21.69 -23.74
C LYS G 86 21.51 -22.89 -24.63
N GLU G 87 20.61 -23.17 -25.56
CA GLU G 87 20.80 -24.30 -26.47
C GLU G 87 21.95 -24.00 -27.41
N LYS G 88 22.00 -22.78 -27.90
CA LYS G 88 23.07 -22.38 -28.80
C LYS G 88 24.42 -22.51 -28.11
N MET G 89 24.46 -22.18 -26.83
CA MET G 89 25.70 -22.27 -26.06
C MET G 89 26.10 -23.73 -25.91
N ASP G 90 25.12 -24.60 -25.68
CA ASP G 90 25.38 -26.03 -25.52
C ASP G 90 25.91 -26.59 -26.84
N GLN G 91 25.32 -26.14 -27.94
CA GLN G 91 25.72 -26.58 -29.27
C GLN G 91 27.10 -26.09 -29.65
N LEU G 92 27.42 -24.89 -29.20
CA LEU G 92 28.71 -24.28 -29.50
C LEU G 92 29.86 -25.27 -29.39
N SER G 93 29.66 -26.32 -28.58
CA SER G 93 30.68 -27.34 -28.40
C SER G 93 30.40 -28.53 -29.32
N LYS G 94 29.62 -29.48 -28.82
CA LYS G 94 29.25 -30.69 -29.55
C LYS G 94 30.10 -31.03 -30.77
N LEU G 95 30.99 -32.00 -30.60
CA LEU G 95 31.87 -32.42 -31.68
C LEU G 95 32.58 -33.72 -31.30
N ILE H 5 -89.95 37.72 45.81
CA ILE H 5 -88.58 37.20 46.13
C ILE H 5 -88.08 36.25 45.04
N GLU H 6 -88.91 35.98 44.05
CA GLU H 6 -88.54 35.09 42.96
C GLU H 6 -87.36 35.65 42.17
N SER H 7 -87.40 36.96 41.90
CA SER H 7 -86.32 37.60 41.16
C SER H 7 -85.02 37.35 41.93
N LEU H 8 -85.12 37.45 43.25
CA LEU H 8 -83.98 37.23 44.14
C LEU H 8 -83.50 35.79 43.96
N HIS H 9 -84.46 34.86 43.95
CA HIS H 9 -84.17 33.45 43.77
C HIS H 9 -83.52 33.19 42.43
N ASP H 10 -83.99 33.89 41.40
CA ASP H 10 -83.43 33.72 40.07
C ASP H 10 -81.97 34.20 40.09
N GLN H 11 -81.75 35.30 40.82
CA GLN H 11 -80.43 35.88 40.97
C GLN H 11 -79.48 34.92 41.66
N ILE H 12 -79.96 34.28 42.73
CA ILE H 12 -79.14 33.34 43.47
C ILE H 12 -78.83 32.12 42.60
N ASP H 13 -79.78 31.73 41.75
CA ASP H 13 -79.58 30.59 40.87
C ASP H 13 -78.59 30.96 39.75
N MET H 14 -78.73 32.16 39.21
CA MET H 14 -77.85 32.64 38.16
C MET H 14 -76.41 32.68 38.69
N LEU H 15 -76.27 33.16 39.91
CA LEU H 15 -74.97 33.26 40.57
C LEU H 15 -74.36 31.88 40.73
N THR H 16 -75.17 30.90 41.14
CA THR H 16 -74.68 29.54 41.33
C THR H 16 -74.32 28.90 40.00
N LYS H 17 -75.16 29.10 39.00
CA LYS H 17 -74.91 28.53 37.69
C LYS H 17 -73.54 28.93 37.19
N THR H 18 -73.19 30.20 37.34
CA THR H 18 -71.88 30.68 36.91
C THR H 18 -70.83 29.88 37.68
N ASN H 19 -70.87 29.97 39.01
CA ASN H 19 -69.93 29.26 39.86
C ASN H 19 -69.68 27.82 39.43
N LEU H 20 -70.76 27.07 39.21
CA LEU H 20 -70.64 25.67 38.78
C LEU H 20 -69.81 25.55 37.50
N GLN H 21 -70.11 26.40 36.53
CA GLN H 21 -69.39 26.38 35.26
C GLN H 21 -67.93 26.78 35.45
N LEU H 22 -67.69 27.72 36.34
CA LEU H 22 -66.34 28.19 36.63
C LEU H 22 -65.54 27.06 37.27
N THR H 23 -66.24 26.16 37.95
CA THR H 23 -65.59 25.02 38.61
C THR H 23 -65.17 23.97 37.60
N THR H 24 -66.01 23.73 36.59
CA THR H 24 -65.66 22.76 35.56
C THR H 24 -64.45 23.41 34.89
N GLN H 25 -64.43 24.73 34.94
CA GLN H 25 -63.35 25.52 34.35
C GLN H 25 -62.00 25.31 35.05
N SER H 26 -61.99 25.32 36.38
CA SER H 26 -60.75 25.08 37.10
C SER H 26 -60.30 23.70 36.66
N GLN H 27 -61.25 22.78 36.65
CA GLN H 27 -60.99 21.40 36.23
C GLN H 27 -60.27 21.47 34.88
N ASN H 28 -60.85 22.22 33.95
CA ASN H 28 -60.27 22.39 32.61
C ASN H 28 -58.80 22.73 32.78
N LEU H 29 -58.53 23.87 33.41
CA LEU H 29 -57.17 24.34 33.63
C LEU H 29 -56.24 23.35 34.36
N LEU H 30 -56.74 22.70 35.40
CA LEU H 30 -55.89 21.76 36.13
C LEU H 30 -55.60 20.46 35.39
N SER H 31 -56.34 20.23 34.31
CA SER H 31 -56.12 19.05 33.49
C SER H 31 -54.97 19.42 32.56
N LYS H 32 -54.94 20.69 32.16
CA LYS H 32 -53.88 21.20 31.30
C LYS H 32 -52.58 21.26 32.09
N LEU H 33 -52.60 22.00 33.19
CA LEU H 33 -51.43 22.13 34.06
C LEU H 33 -50.74 20.77 34.17
N GLU H 34 -51.53 19.73 34.38
CA GLU H 34 -51.00 18.38 34.49
C GLU H 34 -50.31 17.98 33.19
N LEU H 35 -50.97 18.24 32.06
CA LEU H 35 -50.35 17.92 30.78
C LEU H 35 -49.07 18.72 30.67
N ALA H 36 -49.15 19.99 31.06
CA ALA H 36 -48.00 20.89 31.00
C ALA H 36 -46.77 20.28 31.68
N GLN H 37 -46.94 19.63 32.83
CA GLN H 37 -45.78 19.00 33.43
C GLN H 37 -45.41 17.76 32.64
N SER H 38 -46.33 16.81 32.53
CA SER H 38 -46.07 15.57 31.79
C SER H 38 -45.11 15.81 30.63
N LYS H 39 -45.26 16.98 29.99
CA LYS H 39 -44.39 17.38 28.88
C LYS H 39 -43.03 17.80 29.42
N GLU H 40 -43.04 18.62 30.46
CA GLU H 40 -41.84 19.09 31.13
C GLU H 40 -41.07 17.89 31.70
N SER H 41 -41.81 16.90 32.21
CA SER H 41 -41.20 15.69 32.78
C SER H 41 -40.55 14.83 31.70
N LYS H 42 -41.26 14.64 30.60
CA LYS H 42 -40.77 13.83 29.49
C LYS H 42 -39.49 14.42 28.91
N LEU H 43 -39.49 15.73 28.68
CA LEU H 43 -38.32 16.38 28.12
C LEU H 43 -37.11 16.14 29.02
N LEU H 44 -37.28 16.31 30.33
CA LEU H 44 -36.20 16.10 31.28
C LEU H 44 -35.64 14.68 31.20
N GLU H 45 -36.52 13.70 30.98
CA GLU H 45 -36.09 12.32 30.89
C GLU H 45 -35.26 12.11 29.62
N ASN H 46 -35.68 12.73 28.53
CA ASN H 46 -34.97 12.60 27.27
C ASN H 46 -33.64 13.36 27.35
N LEU H 47 -33.71 14.58 27.88
CA LEU H 47 -32.53 15.42 28.02
C LEU H 47 -31.43 14.75 28.83
N ASN H 48 -31.82 14.04 29.88
CA ASN H 48 -30.85 13.35 30.73
C ASN H 48 -30.35 12.09 30.04
N LEU H 49 -31.17 11.55 29.16
CA LEU H 49 -30.83 10.34 28.44
C LEU H 49 -29.84 10.71 27.34
N LEU H 50 -29.96 11.92 26.82
CA LEU H 50 -29.05 12.41 25.79
C LEU H 50 -27.80 12.93 26.48
N LYS H 51 -28.00 13.42 27.71
CA LYS H 51 -26.91 13.95 28.51
C LYS H 51 -25.93 12.82 28.74
N ASN H 52 -26.47 11.67 29.14
CA ASN H 52 -25.67 10.51 29.44
C ASN H 52 -24.97 9.87 28.26
N GLU H 53 -25.57 9.90 27.07
CA GLU H 53 -24.92 9.31 25.92
C GLU H 53 -23.87 10.28 25.37
N ASN H 54 -24.18 11.56 25.51
CA ASN H 54 -23.29 12.62 25.07
C ASN H 54 -22.00 12.40 25.86
N GLU H 55 -22.15 12.15 27.15
CA GLU H 55 -21.02 11.94 28.03
C GLU H 55 -20.25 10.65 27.74
N ASN H 56 -20.93 9.66 27.17
CA ASN H 56 -20.28 8.41 26.81
C ASN H 56 -19.41 8.65 25.59
N LEU H 57 -19.97 9.35 24.61
CA LEU H 57 -19.22 9.67 23.41
C LEU H 57 -18.01 10.57 23.71
N ASN H 58 -18.19 11.51 24.63
CA ASN H 58 -17.08 12.41 24.95
C ASN H 58 -15.92 11.64 25.54
N SER H 59 -16.22 10.59 26.31
CA SER H 59 -15.18 9.77 26.90
C SER H 59 -14.43 8.96 25.88
N ILE H 60 -15.13 8.53 24.85
CA ILE H 60 -14.53 7.74 23.80
C ILE H 60 -13.60 8.65 23.00
N PHE H 61 -14.03 9.89 22.78
CA PHE H 61 -13.27 10.88 22.03
C PHE H 61 -11.90 11.12 22.67
N GLU H 62 -11.90 11.49 23.95
CA GLU H 62 -10.65 11.76 24.68
C GLU H 62 -9.72 10.53 24.65
N ARG H 63 -10.30 9.35 24.70
CA ARG H 63 -9.51 8.12 24.70
C ARG H 63 -8.79 7.91 23.37
N LYS H 64 -9.46 8.26 22.27
CA LYS H 64 -8.87 8.12 20.93
C LYS H 64 -7.78 9.17 20.76
N ASN H 65 -8.03 10.38 21.26
CA ASN H 65 -7.05 11.46 21.17
C ASN H 65 -5.76 11.13 21.92
N LYS H 66 -5.84 10.24 22.91
CA LYS H 66 -4.65 9.83 23.65
C LYS H 66 -3.82 8.91 22.77
N LYS H 67 -4.51 8.06 22.01
CA LYS H 67 -3.82 7.16 21.09
C LYS H 67 -3.22 7.98 19.94
N LEU H 68 -4.01 8.92 19.42
CA LEU H 68 -3.53 9.77 18.33
C LEU H 68 -2.28 10.53 18.78
N LYS H 69 -2.28 10.96 20.05
CA LYS H 69 -1.11 11.66 20.59
C LYS H 69 0.10 10.73 20.63
N GLU H 70 -0.13 9.44 20.84
CA GLU H 70 0.99 8.50 20.88
C GLU H 70 1.55 8.32 19.48
N LEU H 71 0.64 8.19 18.52
CA LEU H 71 1.05 8.01 17.12
C LEU H 71 1.89 9.18 16.61
N GLU H 72 1.45 10.40 16.89
CA GLU H 72 2.17 11.57 16.42
C GLU H 72 3.59 11.53 16.97
N LYS H 73 3.75 10.82 18.08
CA LYS H 73 5.04 10.68 18.74
C LYS H 73 5.83 9.54 18.11
N ASP H 74 5.14 8.48 17.71
CA ASP H 74 5.79 7.34 17.08
C ASP H 74 6.31 7.66 15.70
N TYR H 75 5.56 8.47 14.95
CA TYR H 75 5.98 8.85 13.61
C TYR H 75 7.16 9.83 13.62
N SER H 76 7.22 10.70 14.63
CA SER H 76 8.33 11.65 14.72
C SER H 76 9.60 10.86 14.98
N GLU H 77 9.53 9.95 15.94
CA GLU H 77 10.65 9.11 16.28
C GLU H 77 11.07 8.29 15.07
N LEU H 78 10.09 7.70 14.39
CA LEU H 78 10.35 6.89 13.20
C LEU H 78 11.00 7.72 12.09
N SER H 79 10.49 8.92 11.85
CA SER H 79 11.04 9.79 10.81
C SER H 79 12.47 10.18 11.18
N ASN H 80 12.72 10.45 12.46
CA ASN H 80 14.07 10.81 12.88
C ASN H 80 15.01 9.65 12.61
N ARG H 81 14.56 8.42 12.90
CA ARG H 81 15.39 7.24 12.67
C ARG H 81 15.73 7.10 11.17
N TYR H 82 14.75 7.38 10.31
CA TYR H 82 15.01 7.30 8.87
C TYR H 82 15.99 8.40 8.46
N ASN H 83 15.93 9.55 9.13
CA ASN H 83 16.88 10.61 8.79
C ASN H 83 18.29 10.16 9.18
N GLU H 84 18.40 9.54 10.36
CA GLU H 84 19.69 9.07 10.82
C GLU H 84 20.25 8.03 9.86
N GLN H 85 19.44 7.03 9.53
CA GLN H 85 19.90 5.98 8.62
C GLN H 85 20.40 6.54 7.30
N LYS H 86 19.81 7.64 6.85
CA LYS H 86 20.19 8.26 5.60
C LYS H 86 21.54 8.96 5.71
N GLU H 87 21.89 9.43 6.91
CA GLU H 87 23.17 10.10 7.15
C GLU H 87 24.30 9.09 7.07
N LYS H 88 24.05 7.91 7.63
CA LYS H 88 25.04 6.84 7.62
C LYS H 88 25.26 6.38 6.18
N MET H 89 24.22 6.55 5.35
CA MET H 89 24.28 6.17 3.93
C MET H 89 25.02 7.24 3.13
N ASP H 90 24.78 8.52 3.45
CA ASP H 90 25.51 9.60 2.75
C ASP H 90 26.97 9.35 3.02
N GLN H 91 27.28 9.26 4.31
CA GLN H 91 28.65 9.04 4.78
C GLN H 91 29.27 7.77 4.24
N LEU H 92 28.45 6.73 4.07
CA LEU H 92 28.94 5.45 3.58
C LEU H 92 29.61 5.49 2.21
N SER H 93 29.33 6.54 1.44
CA SER H 93 29.90 6.68 0.12
C SER H 93 30.70 7.98 -0.02
N LYS H 94 30.66 8.80 1.02
CA LYS H 94 31.33 10.10 1.05
C LYS H 94 32.82 10.22 0.74
N LEU H 95 33.18 11.47 0.41
CA LEU H 95 34.53 11.95 0.12
C LEU H 95 35.48 11.05 -0.66
DY DY I . -9.78 3.88 6.77
DY DY I . -8.57 3.52 6.10
DY DY J . 6.77 -2.32 -5.70
DY DY K . 21.27 -3.11 -18.29
DY DY L . -0.13 3.87 -12.12
S SO4 M . -0.65 -0.88 1.83
O1 SO4 M . 0.36 -1.84 1.36
O2 SO4 M . -0.49 0.41 1.12
O3 SO4 M . -0.50 -0.67 3.29
O4 SO4 M . -2.00 -1.42 1.55
S SO4 N . -9.26 7.36 -10.44
O1 SO4 N . -8.97 6.23 -11.34
O2 SO4 N . -8.18 7.45 -9.43
O3 SO4 N . -9.32 8.62 -11.22
O4 SO4 N . -10.55 7.15 -9.76
S SO4 O . -17.48 7.40 -2.01
O1 SO4 O . -18.26 7.01 -3.21
O2 SO4 O . -16.08 7.64 -2.41
O3 SO4 O . -17.55 6.33 -1.02
O4 SO4 O . -18.04 8.64 -1.44
S SO4 P . -16.23 -4.57 14.32
O1 SO4 P . -15.86 -5.98 14.59
O2 SO4 P . -15.00 -3.77 14.12
O3 SO4 P . -17.07 -4.51 13.10
O4 SO4 P . -16.98 -4.04 15.47
S SO4 Q . 1.72 -0.89 -15.79
O1 SO4 Q . 3.10 -0.74 -15.29
O2 SO4 Q . 1.75 -1.71 -17.02
O3 SO4 Q . 1.14 0.44 -16.08
O4 SO4 Q . 0.90 -1.57 -14.77
S SO4 R . 59.33 -41.10 -44.31
O1 SO4 R . 59.40 -42.55 -44.57
O2 SO4 R . 60.50 -40.43 -44.92
O3 SO4 R . 58.09 -40.56 -44.89
O4 SO4 R . 59.33 -40.87 -42.85
PT PT S . -20.00 -3.20 1.02
S1 DTT T . -7.19 4.83 0.46
C1 DTT T . -7.77 3.61 1.69
C2 DTT T . -6.56 2.73 2.24
O2 DTT T . -5.88 2.15 1.20
C3 DTT T . -7.02 1.56 3.18
O3 DTT T . -7.55 0.65 2.16
C4 DTT T . -5.80 0.80 3.72
S4 DTT T . -6.40 -0.49 4.79
DY DY U . -12.23 0.00 16.75
DY DY V . 7.38 -5.83 6.04
DY DY W . -29.98 8.73 11.48
S SO4 X . -20.23 1.66 23.70
O1 SO4 X . -20.98 1.71 22.43
O2 SO4 X . -18.79 1.71 23.43
O3 SO4 X . -20.56 0.41 24.40
O4 SO4 X . -20.61 2.81 24.54
S SO4 Y . 7.40 0.66 19.61
O1 SO4 Y . 7.94 -0.53 18.90
O2 SO4 Y . 7.57 1.85 18.74
O3 SO4 Y . 5.97 0.47 19.89
O4 SO4 Y . 8.13 0.86 20.86
S SO4 Z . 13.29 -1.16 17.95
O1 SO4 Z . 14.50 -0.89 18.76
O2 SO4 Z . 13.66 -1.12 16.52
O3 SO4 Z . 12.27 -0.12 18.23
O4 SO4 Z . 12.74 -2.48 18.29
S SO4 AA . -16.09 3.97 18.42
O1 SO4 AA . -16.11 2.50 18.49
O2 SO4 AA . -14.82 4.49 18.99
O3 SO4 AA . -17.23 4.52 19.17
O4 SO4 AA . -16.19 4.39 17.00
PT PT BA . -27.66 17.67 20.47
C1 EDO CA . 14.54 -7.42 10.41
O1 EDO CA . 15.55 -6.99 11.32
C2 EDO CA . 13.17 -7.40 11.11
O2 EDO CA . 12.89 -6.08 11.58
DY DY DA . -23.66 -11.23 -13.19
DY DY DA . -22.58 -11.30 -13.93
DY DY EA . -1.44 -15.48 -19.87
DY DY EA . -2.75 -15.13 -19.51
DY DY FA . -5.51 -20.10 -7.66
S SO4 GA . 19.59 -21.19 -6.38
O1 SO4 GA . 20.38 -21.06 -5.13
O2 SO4 GA . 20.48 -21.66 -7.47
O3 SO4 GA . 19.02 -19.88 -6.74
O4 SO4 GA . 18.51 -22.17 -6.18
S SO4 HA . -13.67 -18.29 -0.69
O1 SO4 HA . -13.55 -19.62 -0.06
O2 SO4 HA . -12.46 -18.00 -1.47
O3 SO4 HA . -14.85 -18.28 -1.57
O4 SO4 HA . -13.84 -17.27 0.37
S SO4 IA . 3.44 -26.43 -24.14
O1 SO4 IA . 4.74 -26.73 -23.50
O2 SO4 IA . 3.00 -27.58 -24.95
O3 SO4 IA . 3.58 -25.24 -25.00
O4 SO4 IA . 2.44 -26.16 -23.09
S SO4 JA . 13.62 -19.10 -4.75
O1 SO4 JA . 14.40 -18.93 -3.50
O2 SO4 JA . 14.26 -20.10 -5.61
O3 SO4 JA . 13.56 -17.81 -5.46
O4 SO4 JA . 12.25 -19.53 -4.41
S SO4 KA . 9.29 -21.73 -5.31
O1 SO4 KA . 9.48 -22.99 -4.59
O2 SO4 KA . 10.40 -21.53 -6.24
O3 SO4 KA . 8.04 -21.81 -6.06
O4 SO4 KA . 9.24 -20.61 -4.35
S SO4 LA . 9.50 -27.21 -8.48
O1 SO4 LA . 10.77 -27.73 -7.95
O2 SO4 LA . 9.79 -26.28 -9.58
O3 SO4 LA . 8.67 -28.31 -9.00
O4 SO4 LA . 8.78 -26.49 -7.42
S SO4 MA . -35.06 -5.79 -16.85
O1 SO4 MA . -34.74 -7.06 -16.23
O2 SO4 MA . -33.87 -4.93 -16.85
O3 SO4 MA . -35.51 -6.03 -18.23
O4 SO4 MA . -36.14 -5.13 -16.10
PT PT NA . -21.47 -1.79 -3.49
C1 IPA OA . -13.76 -12.60 -18.14
C2 IPA OA . -12.38 -12.72 -17.48
C3 IPA OA . -11.83 -11.34 -17.12
O2 IPA OA . -12.49 -13.51 -16.29
DY DY PA . -6.16 24.04 13.15
DY DY QA . -16.10 23.86 31.28
DY DY RA . 14.41 17.42 6.47
S SO4 SA . -15.84 27.73 14.30
O1 SO4 SA . -15.19 26.54 13.72
O2 SO4 SA . -15.56 28.90 13.45
O3 SO4 SA . -17.30 27.49 14.38
O4 SO4 SA . -15.32 27.96 15.66
S SO4 TA . -23.94 27.35 22.38
O1 SO4 TA . -22.76 26.86 23.12
O2 SO4 TA . -23.50 28.15 21.22
O3 SO4 TA . -24.74 26.20 21.91
O4 SO4 TA . -24.77 28.19 23.27
PT PT UA . 19.81 5.44 2.73
C1 EDO VA . 14.66 15.05 -3.16
O1 EDO VA . 16.06 14.89 -3.32
C2 EDO VA . 14.37 15.89 -1.92
O2 EDO VA . 12.96 16.09 -1.80
C1 EDO WA . 2.60 14.76 -2.56
O1 EDO WA . 3.72 14.08 -1.98
C2 EDO WA . 1.37 14.52 -1.68
O2 EDO WA . 1.04 15.73 -0.98
C1 IPA XA . 12.77 9.89 -5.51
C2 IPA XA . 11.67 8.97 -4.97
C3 IPA XA . 12.27 7.80 -4.21
O2 IPA XA . 10.84 9.72 -4.08
DY DY YA . 8.69 -4.72 -4.85
DY DY YA . 7.49 -4.38 -3.92
DY DY ZA . -7.70 5.10 4.30
DY DY AB . -1.93 12.60 -0.72
DY DY BB . -1.41 7.09 -2.63
DY DY CB . -22.94 16.67 7.95
S SO4 DB . 6.72 12.67 -4.98
O1 SO4 DB . 8.10 12.82 -4.48
O2 SO4 DB . 6.57 11.35 -5.61
O3 SO4 DB . 6.44 13.72 -5.98
O4 SO4 DB . 5.76 12.80 -3.85
PT PT EB . 18.38 0.61 2.13
C1 EDO FB . 4.02 10.37 -0.82
O1 EDO FB . 3.97 9.21 -1.66
C2 EDO FB . 3.28 10.08 0.48
O2 EDO FB . 1.89 10.04 0.22
C1 EDO GB . -24.45 24.42 10.47
O1 EDO GB . -23.36 24.08 9.61
C2 EDO GB . -23.92 24.95 11.79
O2 EDO GB . -24.97 25.62 12.51
C1 IPA HB . -19.54 29.34 13.52
C2 IPA HB . -20.44 28.41 12.68
C3 IPA HB . -21.47 29.24 11.95
O2 IPA HB . -19.63 27.70 11.72
DY DY IB . 12.35 -15.09 -2.94
DY DY JB . 28.59 -6.97 -11.47
DY DY KB . -7.36 -6.50 5.89
S SO4 LB . 28.58 -19.32 -12.59
O1 SO4 LB . 30.05 -19.28 -12.45
O2 SO4 LB . 28.14 -20.70 -12.81
O3 SO4 LB . 28.18 -18.48 -13.74
O4 SO4 LB . 27.96 -18.80 -11.35
C1 EDO MB . -9.86 -14.72 2.20
O1 EDO MB . -10.91 -14.40 3.09
C2 EDO MB . -8.53 -14.84 2.96
O2 EDO MB . -8.64 -15.79 4.03
C1 IPA NB . -13.90 -13.56 4.87
C2 IPA NB . -13.87 -12.92 6.25
C3 IPA NB . -12.73 -11.90 6.28
O2 IPA NB . -15.11 -12.29 6.49
C1 IPA OB . -15.96 -17.75 3.79
C2 IPA OB . -16.21 -16.47 4.60
C3 IPA OB . -17.60 -16.52 5.24
O2 IPA OB . -15.24 -16.37 5.63
C1 IPA PB . 16.23 -15.94 -6.71
C2 IPA PB . 15.19 -15.42 -7.69
C3 IPA PB . 15.70 -15.62 -9.11
O2 IPA PB . 13.98 -16.16 -7.54
DY DY QB . 4.11 -8.03 -25.49
DY DY RB . 14.90 -24.88 -29.45
S SO4 SB . 13.55 -6.96 -29.66
O1 SO4 SB . 14.60 -8.00 -29.76
O2 SO4 SB . 13.39 -6.30 -30.97
O3 SO4 SB . 12.27 -7.59 -29.27
O4 SO4 SB . 13.95 -5.97 -28.64
S SO4 TB . -3.88 5.12 -13.38
O1 SO4 TB . -3.03 4.76 -12.24
O2 SO4 TB . -3.48 4.35 -14.57
O3 SO4 TB . -3.74 6.57 -13.65
O4 SO4 TB . -5.29 4.82 -13.05
S SO4 UB . -6.97 -3.88 -29.24
O1 SO4 UB . -5.80 -4.35 -30.00
O2 SO4 UB . -6.53 -3.34 -27.94
O3 SO4 UB . -7.90 -5.00 -29.00
O4 SO4 UB . -7.66 -2.83 -30.01
S SO4 VB . 9.30 -10.10 -25.09
O1 SO4 VB . 9.21 -8.84 -25.83
O2 SO4 VB . 10.64 -10.69 -25.31
O3 SO4 VB . 8.27 -11.03 -25.59
O4 SO4 VB . 9.08 -9.86 -23.65
S SO4 WB . -9.13 12.79 -7.30
O1 SO4 WB . -8.18 13.76 -7.89
O2 SO4 WB . -8.42 11.97 -6.30
O3 SO4 WB . -9.66 11.93 -8.37
O4 SO4 WB . -10.24 13.51 -6.64
S SO4 XB . -2.35 -6.83 -31.36
O1 SO4 XB . -1.58 -7.50 -30.30
O2 SO4 XB . -2.26 -7.60 -32.61
O3 SO4 XB . -1.79 -5.49 -31.58
O4 SO4 XB . -3.76 -6.71 -30.95
PT PT YB . 24.44 -19.84 -22.75
DY DY ZB . 5.35 4.77 21.53
DY DY AC . 2.36 13.72 21.13
DY DY BC . -14.26 13.10 30.48
S SO4 CC . -8.78 1.16 24.19
O1 SO4 CC . -9.53 0.08 23.55
O2 SO4 CC . -7.38 1.15 23.69
O3 SO4 CC . -9.39 2.46 23.85
O4 SO4 CC . -8.76 0.98 25.65
S SO4 DC . -9.31 3.56 29.99
O1 SO4 DC . -8.65 2.99 28.82
O2 SO4 DC . -9.04 2.72 31.15
O3 SO4 DC . -10.76 3.62 29.77
O4 SO4 DC . -8.78 4.91 30.27
C1 EDO EC . -15.14 2.11 21.57
O1 EDO EC . -16.21 2.07 22.51
C2 EDO EC . -13.87 1.52 22.18
O2 EDO EC . -13.08 0.89 21.17
#